data_5QJI
#
_entry.id   5QJI
#
_cell.length_a   48.980
_cell.length_b   59.770
_cell.length_c   79.380
_cell.angle_alpha   79.840
_cell.angle_beta   81.430
_cell.angle_gamma   75.990
#
_symmetry.space_group_name_H-M   'P 1'
#
loop_
_entity.id
_entity.type
_entity.pdbx_description
1 polymer 'ADP-sugar pyrophosphatase'
2 non-polymer 'MAGNESIUM ION'
3 non-polymer 'CHLORIDE ION'
4 non-polymer 1,2-ETHANEDIOL
5 non-polymer 3-[(3,5-dimethyl-1,2-oxazol-4-yl)methyl]-5-methyl-1,3,4-thiadiazol-2(3H)-one
6 water water
#
_entity_poly.entity_id   1
_entity_poly.type   'polypeptide(L)'
_entity_poly.pdbx_seq_one_letter_code
;SMESQEPTESSQNGKQYIISEELISEGKWVKLEKTTYMDPTGKTRTWESVKRTTRKEQTADGVAVIPVLQRTLHYECIVL
VKQFRPPMGGYCIEFPAGLIDDGETPEAAALRELEEETGYKGDIAECSPAVCMDPGLSNCTIHIVTVTINGDDAENARPK
PKPGDGEFVEVISLPKNDLLQRLDALVAEEHLTVDARVYSYALALKHAN
;
_entity_poly.pdbx_strand_id   A,B,C,D
#
loop_
_chem_comp.id
_chem_comp.type
_chem_comp.name
_chem_comp.formula
CL non-polymer 'CHLORIDE ION' 'Cl -1'
EDO non-polymer 1,2-ETHANEDIOL 'C2 H6 O2'
K1A non-polymer 3-[(3,5-dimethyl-1,2-oxazol-4-yl)methyl]-5-methyl-1,3,4-thiadiazol-2(3H)-one 'C9 H11 N3 O2 S'
MG non-polymer 'MAGNESIUM ION' 'Mg 2'
#
# COMPACT_ATOMS: atom_id res chain seq x y z
N LYS A 15 -43.95 7.89 15.63
CA LYS A 15 -44.56 9.16 15.13
C LYS A 15 -44.92 9.11 13.63
N GLN A 16 -43.92 9.06 12.74
CA GLN A 16 -44.14 9.28 11.28
C GLN A 16 -44.44 8.01 10.50
N TYR A 17 -45.08 8.21 9.35
CA TYR A 17 -45.59 7.09 8.53
C TYR A 17 -46.08 7.60 7.22
N ILE A 18 -46.16 6.67 6.28
CA ILE A 18 -46.64 6.93 4.94
C ILE A 18 -48.16 7.02 4.95
N ILE A 19 -48.69 8.01 4.24
CA ILE A 19 -50.12 8.14 3.99
C ILE A 19 -50.56 7.53 2.63
N SER A 20 -49.89 7.89 1.56
CA SER A 20 -50.23 7.36 0.24
C SER A 20 -49.00 7.52 -0.57
N GLU A 21 -48.89 6.74 -1.67
CA GLU A 21 -47.84 6.87 -2.68
C GLU A 21 -48.51 6.89 -4.03
N GLU A 22 -48.34 7.96 -4.79
CA GLU A 22 -49.03 8.17 -6.05
C GLU A 22 -47.99 8.02 -7.14
N LEU A 23 -48.25 7.17 -8.13
CA LEU A 23 -47.30 6.97 -9.23
C LEU A 23 -47.14 8.26 -10.04
N ILE A 24 -45.94 8.65 -10.39
CA ILE A 24 -45.75 9.81 -11.24
C ILE A 24 -45.37 9.37 -12.63
N SER A 25 -44.40 8.47 -12.73
CA SER A 25 -43.95 7.89 -14.01
C SER A 25 -43.30 6.53 -13.79
N GLU A 26 -43.69 5.53 -14.58
CA GLU A 26 -43.13 4.20 -14.54
C GLU A 26 -42.35 3.98 -15.81
N GLY A 27 -41.06 3.62 -15.66
CA GLY A 27 -40.24 3.13 -16.76
C GLY A 27 -40.26 1.62 -16.75
N LYS A 28 -39.43 1.03 -17.59
CA LYS A 28 -39.25 -0.42 -17.59
C LYS A 28 -38.69 -0.93 -16.25
N TRP A 29 -37.68 -0.23 -15.72
CA TRP A 29 -36.94 -0.67 -14.52
C TRP A 29 -36.93 0.31 -13.33
N VAL A 30 -37.40 1.54 -13.51
CA VAL A 30 -37.41 2.58 -12.48
C VAL A 30 -38.71 3.39 -12.55
N LYS A 31 -39.26 3.74 -11.39
CA LYS A 31 -40.48 4.55 -11.27
C LYS A 31 -40.25 5.71 -10.27
N LEU A 32 -40.94 6.81 -10.53
CA LEU A 32 -41.01 7.96 -9.63
C LEU A 32 -42.40 8.04 -8.95
N GLU A 33 -42.43 8.36 -7.67
CA GLU A 33 -43.65 8.34 -6.90
C GLU A 33 -43.74 9.57 -6.08
N LYS A 34 -44.98 10.02 -5.86
CA LYS A 34 -45.23 11.19 -5.01
C LYS A 34 -45.64 10.57 -3.72
N THR A 35 -44.84 10.79 -2.69
CA THR A 35 -45.08 10.14 -1.41
C THR A 35 -45.70 11.14 -0.47
N THR A 36 -46.82 10.76 0.16
CA THR A 36 -47.45 11.57 1.21
C THR A 36 -47.25 10.87 2.53
N TYR A 37 -46.78 11.64 3.50
CA TYR A 37 -46.46 11.14 4.79
C TYR A 37 -46.87 12.13 5.86
N MET A 38 -46.99 11.60 7.06
CA MET A 38 -47.24 12.41 8.22
C MET A 38 -45.91 12.80 8.88
N ASP A 39 -45.73 14.11 9.06
CA ASP A 39 -44.52 14.62 9.72
C ASP A 39 -44.76 14.54 11.22
N PRO A 40 -43.71 14.69 12.03
CA PRO A 40 -43.88 14.44 13.45
C PRO A 40 -44.48 15.62 14.23
N THR A 41 -44.82 16.72 13.54
CA THR A 41 -45.74 17.73 14.09
C THR A 41 -47.22 17.43 13.81
N GLY A 42 -47.54 16.28 13.17
CA GLY A 42 -48.92 15.98 12.74
C GLY A 42 -49.35 16.68 11.44
N LYS A 43 -48.39 17.27 10.75
CA LYS A 43 -48.62 17.90 9.44
C LYS A 43 -48.35 16.90 8.27
N THR A 44 -49.30 16.83 7.33
CA THR A 44 -49.10 16.16 6.06
C THR A 44 -48.03 16.91 5.25
N ARG A 45 -47.05 16.15 4.73
CA ARG A 45 -46.06 16.62 3.77
C ARG A 45 -45.86 15.60 2.61
N THR A 46 -45.19 16.03 1.56
CA THR A 46 -44.94 15.14 0.43
C THR A 46 -43.44 15.10 0.06
N TRP A 47 -43.11 14.12 -0.77
CA TRP A 47 -41.71 13.78 -1.08
C TRP A 47 -41.74 13.10 -2.44
N GLU A 48 -40.74 13.34 -3.24
CA GLU A 48 -40.57 12.62 -4.48
C GLU A 48 -39.57 11.47 -4.26
N SER A 49 -40.01 10.26 -4.62
CA SER A 49 -39.34 9.00 -4.31
C SER A 49 -38.98 8.26 -5.60
N VAL A 50 -37.83 7.59 -5.62
CA VAL A 50 -37.43 6.74 -6.75
C VAL A 50 -37.55 5.33 -6.26
N LYS A 51 -38.10 4.46 -7.09
CA LYS A 51 -38.15 3.03 -6.74
C LYS A 51 -37.91 2.16 -7.94
N ARG A 52 -37.38 0.97 -7.71
CA ARG A 52 -37.24 0.02 -8.82
C ARG A 52 -38.58 -0.66 -9.01
N THR A 53 -38.87 -1.01 -10.26
CA THR A 53 -40.06 -1.80 -10.62
C THR A 53 -39.83 -3.32 -10.57
N THR A 54 -38.59 -3.75 -10.40
CA THR A 54 -38.23 -5.16 -10.32
C THR A 54 -38.43 -5.94 -8.99
N ARG A 55 -38.40 -5.23 -7.86
CA ARG A 55 -38.43 -5.84 -6.54
C ARG A 55 -39.72 -6.59 -6.28
N LYS A 56 -39.60 -7.89 -6.01
CA LYS A 56 -40.75 -8.76 -5.82
C LYS A 56 -40.84 -9.18 -4.37
N GLU A 57 -40.51 -10.44 -4.10
CA GLU A 57 -40.43 -10.94 -2.73
C GLU A 57 -39.00 -10.84 -2.16
N GLN A 58 -38.01 -10.52 -3.01
CA GLN A 58 -36.62 -10.26 -2.56
C GLN A 58 -36.57 -9.29 -1.36
N THR A 59 -35.94 -9.75 -0.28
CA THR A 59 -35.74 -8.96 0.94
C THR A 59 -35.01 -7.61 0.72
N ALA A 60 -34.40 -7.47 -0.45
CA ALA A 60 -33.71 -6.30 -0.89
C ALA A 60 -33.67 -6.37 -2.39
N ASP A 61 -33.40 -5.25 -3.01
CA ASP A 61 -33.25 -5.18 -4.45
C ASP A 61 -32.04 -5.95 -4.94
N GLY A 62 -30.98 -5.86 -4.17
CA GLY A 62 -29.65 -6.20 -4.71
C GLY A 62 -28.67 -6.69 -3.64
N VAL A 63 -27.51 -7.03 -4.13
CA VAL A 63 -26.37 -7.35 -3.32
C VAL A 63 -25.12 -6.62 -3.81
N ALA A 64 -24.26 -6.31 -2.84
CA ALA A 64 -22.89 -5.93 -3.16
C ALA A 64 -21.95 -6.90 -2.40
N VAL A 65 -20.86 -7.26 -3.05
CA VAL A 65 -19.96 -8.24 -2.50
C VAL A 65 -18.66 -7.52 -2.12
N ILE A 66 -18.22 -7.77 -0.90
CA ILE A 66 -16.91 -7.36 -0.43
C ILE A 66 -16.03 -8.62 -0.55
N PRO A 67 -15.25 -8.75 -1.64
CA PRO A 67 -14.58 -10.02 -1.92
C PRO A 67 -13.11 -9.90 -1.40
N VAL A 68 -12.76 -10.66 -0.36
CA VAL A 68 -11.40 -10.63 0.19
C VAL A 68 -10.56 -11.72 -0.43
N LEU A 69 -9.63 -11.36 -1.32
CA LEU A 69 -8.83 -12.34 -2.01
C LEU A 69 -7.70 -12.71 -1.05
N GLN A 70 -7.67 -13.98 -0.61
CA GLN A 70 -6.66 -14.51 0.33
C GLN A 70 -5.76 -15.54 -0.39
N ARG A 71 -4.46 -15.47 -0.16
CA ARG A 71 -3.55 -16.13 -1.07
C ARG A 71 -2.24 -16.22 -0.45
N THR A 72 -1.67 -17.42 -0.35
CA THR A 72 -0.58 -17.63 0.66
C THR A 72 0.65 -16.75 0.36
N LEU A 73 1.18 -16.10 1.36
CA LEU A 73 2.33 -15.15 1.15
C LEU A 73 2.00 -14.03 0.10
N HIS A 74 0.70 -13.70 0.03
CA HIS A 74 0.23 -12.39 -0.45
C HIS A 74 -0.53 -11.63 0.63
N TYR A 75 -0.43 -10.30 0.58
CA TYR A 75 -1.26 -9.47 1.39
C TYR A 75 -2.69 -9.67 0.87
N GLU A 76 -3.65 -9.63 1.73
CA GLU A 76 -5.11 -9.75 1.29
C GLU A 76 -5.55 -8.64 0.37
N CYS A 77 -6.21 -8.94 -0.78
CA CYS A 77 -6.75 -7.88 -1.63
C CYS A 77 -8.29 -7.80 -1.55
N ILE A 78 -8.81 -6.64 -1.93
CA ILE A 78 -10.25 -6.39 -2.10
C ILE A 78 -10.40 -6.41 -3.61
N VAL A 79 -11.31 -7.22 -4.13
CA VAL A 79 -11.50 -7.34 -5.59
C VAL A 79 -12.64 -6.35 -5.95
N LEU A 80 -12.33 -5.43 -6.87
CA LEU A 80 -13.23 -4.37 -7.32
C LEU A 80 -13.44 -4.48 -8.77
N VAL A 81 -14.50 -3.88 -9.27
CA VAL A 81 -14.78 -3.87 -10.69
C VAL A 81 -14.93 -2.47 -11.20
N LYS A 82 -14.64 -2.30 -12.48
CA LYS A 82 -14.66 -1.03 -13.17
C LYS A 82 -15.52 -1.22 -14.39
N GLN A 83 -16.57 -0.40 -14.52
CA GLN A 83 -17.58 -0.53 -15.52
C GLN A 83 -18.04 0.87 -15.93
N PHE A 84 -18.53 0.95 -17.15
CA PHE A 84 -19.23 2.16 -17.57
C PHE A 84 -20.64 2.17 -16.94
N ARG A 85 -20.99 3.29 -16.34
CA ARG A 85 -22.29 3.47 -15.70
C ARG A 85 -23.02 4.59 -16.42
N PRO A 86 -24.11 4.24 -17.13
CA PRO A 86 -24.80 5.29 -17.85
C PRO A 86 -25.33 6.39 -16.98
N PRO A 87 -25.96 6.11 -15.84
CA PRO A 87 -26.39 7.27 -15.04
C PRO A 87 -25.32 8.29 -14.74
N MET A 88 -24.12 7.79 -14.48
CA MET A 88 -22.95 8.63 -14.23
C MET A 88 -22.26 9.24 -15.46
N GLY A 89 -22.53 8.74 -16.66
CA GLY A 89 -21.76 9.11 -17.87
C GLY A 89 -20.24 8.93 -17.81
N GLY A 90 -19.78 7.85 -17.18
CA GLY A 90 -18.38 7.63 -16.94
C GLY A 90 -18.15 6.26 -16.31
N TYR A 91 -16.86 5.95 -16.14
CA TYR A 91 -16.42 4.72 -15.46
C TYR A 91 -16.43 4.82 -13.93
N CYS A 92 -16.82 3.75 -13.24
CA CYS A 92 -16.94 3.80 -11.78
C CYS A 92 -16.27 2.58 -11.24
N ILE A 93 -15.71 2.71 -10.04
CA ILE A 93 -15.05 1.58 -9.34
C ILE A 93 -15.91 1.20 -8.17
N GLU A 94 -16.33 -0.07 -8.18
CA GLU A 94 -17.33 -0.52 -7.27
C GLU A 94 -17.04 -1.95 -6.79
N PHE A 95 -17.56 -2.29 -5.59
CA PHE A 95 -17.72 -3.64 -5.26
C PHE A 95 -18.53 -4.37 -6.35
N PRO A 96 -18.19 -5.63 -6.61
CA PRO A 96 -19.09 -6.50 -7.38
C PRO A 96 -20.50 -6.56 -6.80
N ALA A 97 -21.46 -6.45 -7.70
CA ALA A 97 -22.84 -6.17 -7.39
C ALA A 97 -23.77 -6.55 -8.52
N GLY A 98 -24.97 -6.98 -8.10
CA GLY A 98 -26.12 -7.12 -8.96
C GLY A 98 -27.43 -7.26 -8.25
N LEU A 99 -28.50 -7.21 -9.04
CA LEU A 99 -29.85 -7.40 -8.51
C LEU A 99 -30.14 -8.89 -8.09
N ILE A 100 -30.97 -9.11 -7.08
CA ILE A 100 -31.21 -10.47 -6.62
C ILE A 100 -32.30 -11.04 -7.54
N ASP A 101 -32.06 -12.20 -8.18
CA ASP A 101 -33.15 -12.82 -9.04
C ASP A 101 -34.30 -13.28 -8.17
N ASP A 102 -35.53 -13.35 -8.68
CA ASP A 102 -36.70 -13.81 -7.84
C ASP A 102 -36.41 -15.20 -7.22
N GLY A 103 -36.60 -15.38 -5.92
CA GLY A 103 -36.29 -16.65 -5.25
C GLY A 103 -34.83 -16.96 -5.00
N GLU A 104 -33.94 -16.08 -5.38
CA GLU A 104 -32.52 -16.30 -5.14
C GLU A 104 -32.27 -15.75 -3.76
N THR A 105 -31.47 -16.45 -2.95
CA THR A 105 -31.06 -15.93 -1.63
C THR A 105 -29.98 -14.80 -1.86
N PRO A 106 -29.85 -13.85 -0.90
CA PRO A 106 -28.77 -12.84 -1.09
C PRO A 106 -27.38 -13.48 -1.18
N GLU A 107 -27.09 -14.48 -0.39
CA GLU A 107 -25.80 -15.19 -0.46
C GLU A 107 -25.55 -15.83 -1.82
N ALA A 108 -26.59 -16.48 -2.32
CA ALA A 108 -26.54 -17.09 -3.65
C ALA A 108 -26.32 -16.03 -4.73
N ALA A 109 -27.08 -14.91 -4.70
CA ALA A 109 -26.87 -13.82 -5.67
C ALA A 109 -25.43 -13.26 -5.61
N ALA A 110 -24.90 -13.04 -4.39
CA ALA A 110 -23.49 -12.53 -4.15
C ALA A 110 -22.45 -13.41 -4.78
N LEU A 111 -22.55 -14.70 -4.50
CA LEU A 111 -21.60 -15.66 -5.04
C LEU A 111 -21.70 -15.74 -6.58
N ARG A 112 -22.89 -15.67 -7.16
CA ARG A 112 -23.09 -15.73 -8.62
C ARG A 112 -22.60 -14.44 -9.26
N GLU A 113 -23.06 -13.31 -8.75
CA GLU A 113 -22.55 -12.02 -9.27
C GLU A 113 -21.03 -11.90 -9.21
N LEU A 114 -20.43 -12.33 -8.10
CA LEU A 114 -18.96 -12.28 -8.00
C LEU A 114 -18.29 -13.12 -9.06
N GLU A 115 -18.81 -14.34 -9.30
CA GLU A 115 -18.24 -15.18 -10.36
C GLU A 115 -18.45 -14.62 -11.72
N GLU A 116 -19.64 -14.12 -12.00
CA GLU A 116 -19.96 -13.53 -13.31
C GLU A 116 -19.08 -12.33 -13.61
N GLU A 117 -18.86 -11.51 -12.60
CA GLU A 117 -18.17 -10.23 -12.87
C GLU A 117 -16.67 -10.33 -12.82
N THR A 118 -16.15 -11.20 -11.97
CA THR A 118 -14.72 -11.36 -11.80
C THR A 118 -14.11 -12.68 -12.20
N GLY A 119 -14.91 -13.72 -12.38
CA GLY A 119 -14.33 -15.05 -12.50
C GLY A 119 -14.05 -15.82 -11.20
N TYR A 120 -13.94 -15.12 -10.08
CA TYR A 120 -13.67 -15.79 -8.80
C TYR A 120 -14.86 -16.54 -8.16
N LYS A 121 -14.50 -17.69 -7.58
CA LYS A 121 -15.46 -18.56 -6.93
C LYS A 121 -15.22 -18.36 -5.46
N GLY A 122 -16.14 -17.68 -4.81
CA GLY A 122 -15.98 -17.35 -3.39
C GLY A 122 -16.57 -18.28 -2.38
N ASP A 123 -16.31 -18.01 -1.11
CA ASP A 123 -16.95 -18.67 0.07
C ASP A 123 -17.64 -17.62 0.97
N ILE A 124 -18.92 -17.81 1.32
CA ILE A 124 -19.63 -16.83 2.13
C ILE A 124 -18.97 -16.68 3.49
N ALA A 125 -18.81 -15.42 3.94
CA ALA A 125 -18.32 -15.15 5.34
C ALA A 125 -19.44 -14.60 6.16
N GLU A 126 -20.11 -13.58 5.66
CA GLU A 126 -21.22 -12.95 6.36
C GLU A 126 -22.11 -12.21 5.40
N CYS A 127 -23.29 -11.90 5.87
CA CYS A 127 -24.31 -11.24 5.08
C CYS A 127 -25.10 -10.24 5.92
N SER A 128 -25.13 -8.99 5.45
CA SER A 128 -25.80 -7.90 6.23
C SER A 128 -27.30 -8.03 6.16
N PRO A 129 -28.04 -7.40 7.09
CA PRO A 129 -29.43 -7.02 6.77
C PRO A 129 -29.48 -6.11 5.54
N ALA A 130 -30.66 -5.99 4.96
CA ALA A 130 -30.90 -5.05 3.92
C ALA A 130 -30.52 -3.63 4.40
N VAL A 131 -29.69 -2.96 3.63
CA VAL A 131 -29.19 -1.59 3.86
C VAL A 131 -29.55 -0.67 2.70
N CYS A 132 -29.82 0.59 3.01
CA CYS A 132 -30.40 1.53 2.08
C CYS A 132 -29.29 2.23 1.31
N MET A 133 -29.48 2.28 0.01
CA MET A 133 -28.57 2.88 -0.88
C MET A 133 -28.51 4.41 -0.83
N ASP A 134 -29.65 5.08 -0.78
CA ASP A 134 -29.67 6.54 -0.91
C ASP A 134 -31.07 6.97 -0.46
N PRO A 135 -31.32 6.84 0.86
CA PRO A 135 -32.64 6.78 1.43
C PRO A 135 -33.39 8.11 1.42
N GLY A 136 -32.73 9.23 1.12
CA GLY A 136 -33.38 10.51 0.85
C GLY A 136 -33.99 10.62 -0.52
N LEU A 137 -33.55 9.74 -1.45
CA LEU A 137 -33.97 9.67 -2.82
C LEU A 137 -34.77 8.39 -3.17
N SER A 138 -34.32 7.23 -2.70
CA SER A 138 -34.93 5.93 -3.07
C SER A 138 -35.26 4.93 -1.94
N ASN A 139 -36.04 3.91 -2.27
CA ASN A 139 -36.27 2.80 -1.40
C ASN A 139 -35.22 1.72 -1.62
N CYS A 140 -34.26 1.93 -2.49
CA CYS A 140 -33.34 0.83 -2.87
C CYS A 140 -32.54 0.29 -1.70
N THR A 141 -32.59 -1.03 -1.53
CA THR A 141 -31.79 -1.72 -0.60
C THR A 141 -30.88 -2.78 -1.23
N ILE A 142 -29.83 -3.10 -0.46
CA ILE A 142 -28.95 -4.26 -0.62
C ILE A 142 -28.68 -5.02 0.62
N HIS A 143 -28.28 -6.27 0.42
CA HIS A 143 -27.38 -6.99 1.28
C HIS A 143 -25.92 -6.81 0.87
N ILE A 144 -25.11 -6.47 1.85
CA ILE A 144 -23.69 -6.38 1.68
C ILE A 144 -23.17 -7.72 2.14
N VAL A 145 -22.61 -8.46 1.23
CA VAL A 145 -22.24 -9.86 1.62
C VAL A 145 -20.73 -9.97 1.57
N THR A 146 -20.12 -10.32 2.66
CA THR A 146 -18.64 -10.52 2.69
C THR A 146 -18.35 -11.93 2.30
N VAL A 147 -17.41 -12.10 1.37
CA VAL A 147 -17.04 -13.32 0.83
C VAL A 147 -15.52 -13.40 0.77
N THR A 148 -14.97 -14.50 1.22
CA THR A 148 -13.53 -14.81 1.05
C THR A 148 -13.29 -15.64 -0.19
N ILE A 149 -12.21 -15.35 -0.91
CA ILE A 149 -11.79 -16.08 -2.10
C ILE A 149 -10.45 -16.75 -1.79
N ASN A 150 -10.38 -18.06 -1.94
CA ASN A 150 -9.15 -18.81 -1.74
C ASN A 150 -8.41 -18.73 -3.09
N GLY A 151 -7.46 -17.78 -3.18
CA GLY A 151 -6.71 -17.62 -4.40
C GLY A 151 -5.68 -18.70 -4.61
N ASP A 152 -5.41 -19.52 -3.59
CA ASP A 152 -4.52 -20.72 -3.74
C ASP A 152 -5.26 -21.88 -4.44
N ASP A 153 -6.59 -21.95 -4.29
CA ASP A 153 -7.35 -22.96 -4.97
C ASP A 153 -7.23 -22.80 -6.48
N ALA A 154 -7.14 -23.92 -7.18
CA ALA A 154 -6.89 -23.90 -8.62
C ALA A 154 -8.12 -23.37 -9.43
N GLU A 155 -9.32 -23.49 -8.85
CA GLU A 155 -10.52 -22.84 -9.39
C GLU A 155 -10.31 -21.33 -9.61
N ASN A 156 -9.56 -20.71 -8.71
CA ASN A 156 -9.37 -19.27 -8.66
C ASN A 156 -8.02 -18.85 -9.25
N ALA A 157 -7.46 -19.67 -10.13
CA ALA A 157 -6.08 -19.48 -10.56
C ALA A 157 -6.01 -18.41 -11.63
N ARG A 158 -6.69 -18.63 -12.76
CA ARG A 158 -6.72 -17.65 -13.85
C ARG A 158 -8.20 -17.40 -14.19
N PRO A 159 -8.92 -16.71 -13.29
CA PRO A 159 -10.36 -16.53 -13.36
C PRO A 159 -10.87 -15.70 -14.56
N LYS A 160 -11.87 -16.23 -15.26
CA LYS A 160 -12.51 -15.60 -16.43
C LYS A 160 -13.88 -14.98 -16.05
N PRO A 161 -14.01 -13.64 -16.16
CA PRO A 161 -15.37 -13.08 -16.08
C PRO A 161 -16.34 -13.70 -17.11
N LYS A 162 -17.56 -14.02 -16.67
CA LYS A 162 -18.67 -14.36 -17.54
C LYS A 162 -19.70 -13.22 -17.42
N PRO A 163 -19.43 -12.08 -18.06
CA PRO A 163 -20.43 -11.03 -18.14
C PRO A 163 -21.63 -11.42 -19.02
N GLY A 164 -22.83 -11.07 -18.56
CA GLY A 164 -24.06 -11.32 -19.29
C GLY A 164 -24.19 -10.34 -20.43
N ASP A 165 -25.41 -10.28 -20.99
CA ASP A 165 -25.67 -9.44 -22.15
C ASP A 165 -25.43 -7.90 -21.87
N GLY A 166 -24.48 -7.30 -22.58
CA GLY A 166 -24.12 -5.89 -22.41
C GLY A 166 -23.32 -5.57 -21.13
N GLU A 167 -22.82 -6.60 -20.46
CA GLU A 167 -21.96 -6.41 -19.29
C GLU A 167 -20.55 -6.34 -19.84
N PHE A 168 -19.77 -5.34 -19.41
CA PHE A 168 -18.36 -5.21 -19.80
C PHE A 168 -17.56 -4.76 -18.60
N VAL A 169 -16.93 -5.71 -17.93
CA VAL A 169 -16.35 -5.50 -16.61
C VAL A 169 -14.85 -5.75 -16.58
N GLU A 170 -14.13 -4.91 -15.83
CA GLU A 170 -12.68 -5.01 -15.60
C GLU A 170 -12.50 -5.22 -14.11
N VAL A 171 -11.61 -6.15 -13.77
CA VAL A 171 -11.35 -6.49 -12.39
C VAL A 171 -10.11 -5.75 -11.92
N ILE A 172 -10.17 -5.19 -10.73
CA ILE A 172 -9.08 -4.42 -10.21
C ILE A 172 -8.91 -4.89 -8.78
N SER A 173 -7.83 -5.62 -8.51
CA SER A 173 -7.56 -6.12 -7.19
C SER A 173 -6.50 -5.27 -6.58
N LEU A 174 -6.77 -4.81 -5.35
CA LEU A 174 -5.93 -3.80 -4.67
C LEU A 174 -5.73 -4.23 -3.27
N PRO A 175 -4.52 -4.05 -2.69
CA PRO A 175 -4.25 -4.50 -1.35
C PRO A 175 -5.04 -3.81 -0.31
N LYS A 176 -5.60 -4.60 0.58
CA LYS A 176 -6.41 -4.12 1.68
C LYS A 176 -5.69 -3.08 2.55
N ASN A 177 -4.42 -3.38 2.81
CA ASN A 177 -3.58 -2.64 3.70
C ASN A 177 -3.21 -1.32 3.11
N ASP A 178 -3.50 -1.08 1.83
CA ASP A 178 -3.19 0.20 1.18
C ASP A 178 -4.36 0.72 0.31
N LEU A 179 -5.60 0.39 0.67
CA LEU A 179 -6.66 0.49 -0.34
C LEU A 179 -6.98 1.96 -0.71
N LEU A 180 -7.14 2.80 0.29
CA LEU A 180 -7.49 4.19 0.07
C LEU A 180 -6.43 4.90 -0.75
N GLN A 181 -5.14 4.69 -0.47
CA GLN A 181 -4.10 5.37 -1.25
C GLN A 181 -4.07 4.81 -2.64
N ARG A 182 -4.39 3.53 -2.77
CA ARG A 182 -4.43 2.94 -4.09
C ARG A 182 -5.60 3.40 -4.96
N LEU A 183 -6.75 3.59 -4.33
CA LEU A 183 -7.92 4.24 -4.92
C LEU A 183 -7.69 5.75 -5.31
N ASP A 184 -7.04 6.48 -4.42
CA ASP A 184 -6.70 7.88 -4.64
C ASP A 184 -5.75 7.95 -5.78
N ALA A 185 -4.79 7.04 -5.84
CA ALA A 185 -3.89 6.92 -7.01
C ALA A 185 -4.59 6.68 -8.32
N LEU A 186 -5.58 5.80 -8.34
CA LEU A 186 -6.35 5.57 -9.58
C LEU A 186 -7.21 6.77 -10.01
N VAL A 187 -7.82 7.46 -9.05
CA VAL A 187 -8.61 8.66 -9.28
C VAL A 187 -7.66 9.76 -9.73
N ALA A 188 -6.45 9.77 -9.19
CA ALA A 188 -5.43 10.71 -9.70
C ALA A 188 -5.08 10.58 -11.21
N GLU A 189 -4.98 9.34 -11.71
CA GLU A 189 -4.46 9.07 -13.06
C GLU A 189 -5.49 9.01 -14.20
N GLU A 190 -6.79 9.06 -13.87
CA GLU A 190 -7.81 9.08 -14.92
C GLU A 190 -9.14 9.64 -14.44
N HIS A 191 -10.08 9.77 -15.36
CA HIS A 191 -11.44 10.19 -15.03
C HIS A 191 -12.26 8.96 -14.64
N LEU A 192 -12.51 8.84 -13.35
CA LEU A 192 -13.39 7.80 -12.88
C LEU A 192 -13.73 8.09 -11.44
N THR A 193 -14.90 7.62 -11.04
CA THR A 193 -15.49 7.88 -9.73
C THR A 193 -15.39 6.62 -8.87
N VAL A 194 -15.10 6.79 -7.60
CA VAL A 194 -15.10 5.68 -6.71
C VAL A 194 -16.48 5.69 -6.12
N ASP A 195 -17.03 4.50 -5.95
CA ASP A 195 -18.27 4.31 -5.29
C ASP A 195 -18.17 4.65 -3.82
N ALA A 196 -19.22 5.25 -3.29
CA ALA A 196 -19.19 5.70 -1.88
C ALA A 196 -19.07 4.64 -0.81
N ARG A 197 -19.60 3.46 -1.11
CA ARG A 197 -19.44 2.34 -0.16
C ARG A 197 -18.03 1.81 -0.26
N VAL A 198 -17.43 1.76 -1.44
CA VAL A 198 -16.02 1.40 -1.48
C VAL A 198 -15.14 2.41 -0.75
N TYR A 199 -15.49 3.71 -0.83
CA TYR A 199 -14.63 4.73 -0.28
C TYR A 199 -14.76 4.71 1.20
N SER A 200 -15.96 4.45 1.67
CA SER A 200 -16.25 4.36 3.08
C SER A 200 -15.49 3.24 3.80
N TYR A 201 -15.57 2.07 3.19
CA TYR A 201 -14.80 0.90 3.64
C TYR A 201 -13.24 1.23 3.60
N ALA A 202 -12.70 1.76 2.50
CA ALA A 202 -11.30 2.24 2.51
C ALA A 202 -10.92 3.25 3.56
N LEU A 203 -11.79 4.22 3.84
CA LEU A 203 -11.62 5.10 5.06
C LEU A 203 -11.62 4.43 6.43
N ALA A 204 -12.61 3.57 6.71
CA ALA A 204 -12.55 2.75 7.92
C ALA A 204 -11.27 1.86 8.04
N LEU A 205 -10.75 1.32 6.95
CA LEU A 205 -9.51 0.53 7.04
C LEU A 205 -8.36 1.47 7.53
N LYS A 206 -8.34 2.73 7.08
CA LYS A 206 -7.34 3.70 7.55
C LYS A 206 -7.65 4.07 8.99
N HIS A 207 -8.91 4.30 9.34
CA HIS A 207 -9.26 4.77 10.69
C HIS A 207 -9.18 3.73 11.84
N ALA A 208 -9.12 2.43 11.56
CA ALA A 208 -9.00 1.43 12.62
C ALA A 208 -7.57 1.37 13.15
N LYS B 15 -13.88 3.60 -24.40
CA LYS B 15 -14.60 2.83 -25.44
C LYS B 15 -16.11 3.07 -25.43
N GLN B 16 -16.70 3.19 -24.23
CA GLN B 16 -18.15 3.45 -24.05
C GLN B 16 -18.40 4.92 -23.75
N TYR B 17 -19.61 5.38 -24.03
CA TYR B 17 -19.92 6.78 -23.90
C TYR B 17 -21.39 7.09 -24.18
N ILE B 18 -21.82 8.24 -23.68
CA ILE B 18 -23.18 8.71 -23.86
C ILE B 18 -23.37 9.26 -25.29
N ILE B 19 -24.50 8.95 -25.89
CA ILE B 19 -24.88 9.50 -27.19
C ILE B 19 -25.92 10.57 -26.97
N SER B 20 -26.94 10.30 -26.14
CA SER B 20 -27.97 11.29 -25.79
C SER B 20 -28.73 10.96 -24.52
N GLU B 21 -29.38 11.97 -23.94
CA GLU B 21 -30.30 11.79 -22.82
C GLU B 21 -31.70 12.30 -23.22
N GLU B 22 -32.74 11.59 -22.80
CA GLU B 22 -34.13 11.94 -23.04
C GLU B 22 -34.83 12.17 -21.71
N LEU B 23 -35.39 13.35 -21.48
CA LEU B 23 -36.22 13.53 -20.29
C LEU B 23 -37.44 12.60 -20.33
N ILE B 24 -37.70 11.85 -19.28
CA ILE B 24 -38.94 11.07 -19.20
C ILE B 24 -39.90 11.78 -18.28
N SER B 25 -39.40 12.42 -17.22
CA SER B 25 -40.30 13.02 -16.20
C SER B 25 -39.47 13.84 -15.22
N GLU B 26 -39.91 15.07 -14.92
CA GLU B 26 -39.20 15.99 -14.02
C GLU B 26 -40.10 16.38 -12.87
N GLY B 27 -39.54 16.41 -11.67
CA GLY B 27 -40.21 16.96 -10.50
C GLY B 27 -39.48 18.17 -9.96
N LYS B 28 -39.86 18.62 -8.78
CA LYS B 28 -39.18 19.73 -8.15
C LYS B 28 -37.78 19.34 -7.61
N TRP B 29 -37.50 18.04 -7.48
CA TRP B 29 -36.26 17.56 -6.85
C TRP B 29 -35.51 16.44 -7.63
N VAL B 30 -36.24 15.64 -8.39
CA VAL B 30 -35.69 14.44 -9.05
C VAL B 30 -36.26 14.38 -10.45
N LYS B 31 -35.43 14.04 -11.44
CA LYS B 31 -35.91 13.62 -12.76
C LYS B 31 -35.50 12.20 -13.15
N LEU B 32 -36.22 11.65 -14.12
CA LEU B 32 -36.01 10.31 -14.68
C LEU B 32 -35.72 10.53 -16.14
N GLU B 33 -34.54 10.09 -16.60
CA GLU B 33 -34.08 10.25 -17.98
C GLU B 33 -33.89 8.89 -18.67
N LYS B 34 -33.87 8.88 -20.01
CA LYS B 34 -33.55 7.65 -20.77
C LYS B 34 -32.28 7.96 -21.48
N THR B 35 -31.22 7.25 -21.12
CA THR B 35 -29.87 7.50 -21.64
C THR B 35 -29.56 6.56 -22.79
N THR B 36 -29.03 7.09 -23.86
CA THR B 36 -28.60 6.21 -24.94
C THR B 36 -27.07 6.19 -24.90
N TYR B 37 -26.47 4.99 -24.86
CA TYR B 37 -25.02 4.85 -24.80
C TYR B 37 -24.52 3.86 -25.81
N MET B 38 -23.26 4.04 -26.23
CA MET B 38 -22.56 3.12 -27.11
C MET B 38 -21.84 2.14 -26.19
N ASP B 39 -22.27 0.89 -26.17
CA ASP B 39 -21.49 -0.19 -25.56
C ASP B 39 -20.17 -0.42 -26.36
N PRO B 40 -19.24 -1.24 -25.85
CA PRO B 40 -17.91 -1.33 -26.49
C PRO B 40 -17.84 -2.12 -27.81
N THR B 41 -18.88 -2.90 -28.12
CA THR B 41 -18.95 -3.61 -29.39
C THR B 41 -19.36 -2.67 -30.53
N GLY B 42 -19.77 -1.44 -30.20
CA GLY B 42 -20.37 -0.51 -31.15
C GLY B 42 -21.86 -0.74 -31.32
N LYS B 43 -22.51 -1.21 -30.26
CA LYS B 43 -23.95 -1.40 -30.23
C LYS B 43 -24.56 -0.37 -29.30
N THR B 44 -25.56 0.32 -29.83
CA THR B 44 -26.37 1.31 -29.12
C THR B 44 -27.28 0.67 -28.06
N ARG B 45 -27.39 1.27 -26.88
CA ARG B 45 -28.12 0.61 -25.76
C ARG B 45 -28.79 1.66 -24.89
N THR B 46 -29.88 1.29 -24.21
CA THR B 46 -30.60 2.23 -23.38
C THR B 46 -30.49 1.99 -21.86
N TRP B 47 -30.61 3.06 -21.08
CA TRP B 47 -30.57 2.95 -19.62
C TRP B 47 -31.54 3.93 -18.99
N GLU B 48 -32.23 3.51 -17.93
CA GLU B 48 -33.12 4.44 -17.26
C GLU B 48 -32.30 4.94 -16.09
N SER B 49 -32.06 6.26 -16.09
CA SER B 49 -31.16 6.93 -15.17
C SER B 49 -31.88 8.00 -14.42
N VAL B 50 -31.58 8.11 -13.14
CA VAL B 50 -32.18 9.14 -12.30
C VAL B 50 -31.21 10.23 -11.97
N LYS B 51 -31.67 11.48 -11.96
CA LYS B 51 -30.85 12.62 -11.50
C LYS B 51 -31.60 13.52 -10.56
N ARG B 52 -30.83 14.22 -9.74
CA ARG B 52 -31.33 15.39 -9.02
C ARG B 52 -31.47 16.61 -9.94
N THR B 53 -32.49 17.41 -9.67
CA THR B 53 -32.66 18.67 -10.38
C THR B 53 -31.82 19.79 -9.76
N THR B 54 -31.52 19.67 -8.47
CA THR B 54 -30.92 20.74 -7.65
C THR B 54 -29.45 21.12 -7.92
N ARG B 55 -28.66 20.22 -8.52
CA ARG B 55 -27.23 20.44 -8.55
C ARG B 55 -26.77 21.44 -9.63
N LYS B 56 -25.75 22.23 -9.28
CA LYS B 56 -25.08 23.14 -10.20
C LYS B 56 -24.29 22.31 -11.23
N GLN B 58 -21.65 22.99 -8.24
CA GLN B 58 -21.24 22.11 -7.16
C GLN B 58 -20.31 20.97 -7.65
N THR B 59 -19.35 20.63 -6.79
CA THR B 59 -18.45 19.48 -6.97
C THR B 59 -19.18 18.12 -6.93
N ALA B 60 -20.43 18.14 -6.44
CA ALA B 60 -21.24 16.96 -6.13
C ALA B 60 -22.56 17.42 -5.51
N ASP B 61 -23.55 16.52 -5.45
CA ASP B 61 -24.87 16.84 -4.91
C ASP B 61 -24.80 17.16 -3.43
N GLY B 62 -24.02 16.35 -2.71
CA GLY B 62 -24.13 16.25 -1.27
C GLY B 62 -22.77 16.06 -0.59
N VAL B 63 -22.84 16.15 0.73
CA VAL B 63 -21.76 15.70 1.58
C VAL B 63 -22.35 14.75 2.58
N ALA B 64 -21.57 13.79 3.06
CA ALA B 64 -21.91 13.02 4.24
C ALA B 64 -20.68 13.11 5.15
N VAL B 65 -20.94 13.17 6.45
CA VAL B 65 -19.97 13.49 7.44
C VAL B 65 -19.81 12.25 8.32
N ILE B 66 -18.58 11.78 8.40
CA ILE B 66 -18.18 10.79 9.36
C ILE B 66 -17.67 11.54 10.60
N PRO B 67 -18.47 11.59 11.67
CA PRO B 67 -18.08 12.44 12.76
C PRO B 67 -17.56 11.59 13.88
N VAL B 68 -16.27 11.75 14.20
CA VAL B 68 -15.62 11.01 15.28
C VAL B 68 -15.65 11.87 16.56
N LEU B 69 -16.53 11.50 17.47
CA LEU B 69 -16.62 12.17 18.78
C LEU B 69 -15.52 11.60 19.71
N GLN B 70 -14.60 12.46 20.11
CA GLN B 70 -13.47 12.12 20.99
C GLN B 70 -13.62 12.77 22.35
N ARG B 71 -13.85 11.95 23.38
CA ARG B 71 -13.84 12.41 24.75
C ARG B 71 -12.77 11.62 25.46
N THR B 72 -12.02 12.30 26.31
CA THR B 72 -11.05 11.57 27.10
C THR B 72 -11.73 10.63 28.13
N LEU B 73 -11.08 9.49 28.35
CA LEU B 73 -11.55 8.44 29.26
C LEU B 73 -12.84 7.75 28.83
N HIS B 74 -13.18 7.89 27.54
CA HIS B 74 -14.39 7.32 26.91
C HIS B 74 -13.99 6.61 25.61
N TYR B 75 -14.78 5.64 25.12
CA TYR B 75 -14.57 5.22 23.70
C TYR B 75 -14.75 6.30 22.64
N GLU B 76 -13.96 6.29 21.59
CA GLU B 76 -14.34 7.10 20.47
C GLU B 76 -15.69 6.58 19.99
N CYS B 77 -16.58 7.52 19.72
CA CYS B 77 -17.82 7.25 19.00
C CYS B 77 -17.89 7.84 17.58
N ILE B 78 -18.71 7.18 16.76
CA ILE B 78 -19.15 7.69 15.52
C ILE B 78 -20.55 8.21 15.74
N VAL B 79 -20.74 9.46 15.33
CA VAL B 79 -22.00 10.16 15.48
C VAL B 79 -22.94 9.95 14.27
N LEU B 80 -24.08 9.34 14.52
CA LEU B 80 -25.09 9.07 13.47
C LEU B 80 -26.47 9.69 13.77
N VAL B 81 -27.25 9.79 12.70
CA VAL B 81 -28.56 10.38 12.80
C VAL B 81 -29.62 9.38 12.36
N LYS B 82 -30.74 9.43 13.04
CA LYS B 82 -31.93 8.67 12.69
C LYS B 82 -32.97 9.69 12.15
N GLN B 83 -33.60 9.39 11.00
CA GLN B 83 -34.53 10.30 10.27
C GLN B 83 -35.58 9.39 9.60
N PHE B 84 -36.83 9.83 9.55
CA PHE B 84 -37.86 9.11 8.80
C PHE B 84 -37.54 9.44 7.38
N ARG B 85 -37.49 8.42 6.54
CA ARG B 85 -37.11 8.64 5.15
C ARG B 85 -38.32 8.21 4.35
N PRO B 86 -38.95 9.20 3.68
CA PRO B 86 -40.23 8.83 3.08
C PRO B 86 -40.09 7.83 1.88
N PRO B 87 -38.98 7.90 1.12
CA PRO B 87 -38.73 6.82 0.12
C PRO B 87 -38.67 5.42 0.73
N MET B 88 -38.10 5.26 1.93
CA MET B 88 -38.02 3.97 2.54
C MET B 88 -39.28 3.63 3.31
N GLY B 89 -40.14 4.61 3.58
CA GLY B 89 -41.33 4.36 4.39
C GLY B 89 -41.01 3.94 5.78
N GLY B 90 -39.84 4.38 6.27
CA GLY B 90 -39.39 4.04 7.60
C GLY B 90 -38.19 4.88 8.05
N TYR B 91 -37.78 4.57 9.26
CA TYR B 91 -36.65 5.21 9.91
C TYR B 91 -35.28 4.59 9.52
N CYS B 92 -34.34 5.39 9.01
CA CYS B 92 -32.97 5.03 8.65
C CYS B 92 -31.88 5.64 9.54
N ILE B 93 -30.88 4.83 9.91
CA ILE B 93 -29.64 5.31 10.59
C ILE B 93 -28.59 5.63 9.55
N GLU B 94 -28.07 6.84 9.60
CA GLU B 94 -27.17 7.38 8.58
C GLU B 94 -26.11 8.30 9.17
N PHE B 95 -25.09 8.56 8.38
CA PHE B 95 -24.13 9.63 8.65
C PHE B 95 -24.76 11.01 8.37
N PRO B 96 -24.50 12.00 9.22
CA PRO B 96 -25.06 13.32 8.84
C PRO B 96 -24.75 13.73 7.42
N ALA B 97 -25.71 14.36 6.78
CA ALA B 97 -25.56 14.59 5.38
C ALA B 97 -26.60 15.59 4.96
N GLY B 98 -26.29 16.27 3.90
CA GLY B 98 -27.26 17.12 3.25
C GLY B 98 -26.65 17.60 1.96
N LEU B 99 -27.45 18.31 1.17
CA LEU B 99 -27.00 18.85 -0.12
C LEU B 99 -26.12 20.09 0.06
N ILE B 100 -25.20 20.30 -0.84
CA ILE B 100 -24.29 21.42 -0.75
C ILE B 100 -24.99 22.65 -1.36
N ASP B 101 -25.18 23.72 -0.61
CA ASP B 101 -25.83 24.93 -1.18
C ASP B 101 -24.97 25.51 -2.30
N ASP B 102 -25.60 26.10 -3.33
CA ASP B 102 -24.86 26.85 -4.39
C ASP B 102 -23.74 27.77 -3.80
N GLY B 103 -22.56 27.74 -4.41
CA GLY B 103 -21.41 28.47 -3.91
C GLY B 103 -20.84 28.10 -2.55
N GLU B 104 -21.18 26.92 -2.05
CA GLU B 104 -20.63 26.44 -0.77
C GLU B 104 -19.45 25.52 -1.09
N THR B 105 -18.54 25.41 -0.13
CA THR B 105 -17.45 24.46 -0.24
C THR B 105 -17.90 23.11 0.42
N PRO B 106 -17.37 21.97 -0.08
CA PRO B 106 -17.71 20.68 0.57
C PRO B 106 -17.47 20.66 2.07
N GLU B 107 -16.35 21.22 2.51
CA GLU B 107 -16.03 21.27 3.98
C GLU B 107 -17.03 22.05 4.81
N ALA B 108 -17.51 23.17 4.28
CA ALA B 108 -18.32 24.11 5.07
C ALA B 108 -19.73 23.54 5.16
N ALA B 109 -20.20 22.99 4.02
CA ALA B 109 -21.41 22.15 3.99
C ALA B 109 -21.37 21.07 5.05
N ALA B 110 -20.21 20.43 5.18
CA ALA B 110 -20.01 19.34 6.18
C ALA B 110 -20.18 19.87 7.56
N LEU B 111 -19.45 20.95 7.89
CA LEU B 111 -19.53 21.49 9.25
C LEU B 111 -20.88 22.04 9.54
N ARG B 112 -21.54 22.64 8.54
CA ARG B 112 -22.88 23.19 8.75
C ARG B 112 -23.90 22.08 9.01
N GLU B 113 -23.94 21.11 8.10
CA GLU B 113 -24.87 19.98 8.27
C GLU B 113 -24.62 19.26 9.56
N LEU B 114 -23.36 19.05 9.92
CA LEU B 114 -23.08 18.39 11.19
C LEU B 114 -23.66 19.22 12.31
N GLU B 115 -23.44 20.54 12.26
CA GLU B 115 -24.04 21.40 13.30
C GLU B 115 -25.56 21.39 13.27
N GLU B 116 -26.16 21.58 12.10
CA GLU B 116 -27.62 21.54 11.98
C GLU B 116 -28.24 20.27 12.51
N GLU B 117 -27.64 19.12 12.18
CA GLU B 117 -28.26 17.84 12.50
C GLU B 117 -27.92 17.27 13.87
N THR B 118 -26.76 17.65 14.41
CA THR B 118 -26.27 17.11 15.68
C THR B 118 -26.10 18.16 16.79
N GLY B 119 -25.95 19.42 16.39
CA GLY B 119 -25.38 20.45 17.26
C GLY B 119 -23.88 20.42 17.44
N TYR B 120 -23.14 19.55 16.73
CA TYR B 120 -21.71 19.42 17.02
C TYR B 120 -20.90 20.35 16.22
N LYS B 121 -19.93 20.97 16.91
CA LYS B 121 -18.98 21.81 16.23
C LYS B 121 -17.73 20.99 16.13
N GLY B 122 -17.21 20.90 14.89
CA GLY B 122 -16.26 19.88 14.56
C GLY B 122 -15.19 20.48 13.73
N ASP B 123 -14.16 19.68 13.50
CA ASP B 123 -12.99 20.09 12.75
C ASP B 123 -12.79 19.17 11.54
N ILE B 124 -12.50 19.72 10.36
CA ILE B 124 -12.19 18.84 9.22
C ILE B 124 -10.89 18.05 9.40
N ALA B 125 -10.90 16.74 9.09
CA ALA B 125 -9.66 15.93 9.01
C ALA B 125 -9.24 15.63 7.59
N GLU B 126 -10.21 15.22 6.78
CA GLU B 126 -9.97 14.88 5.38
C GLU B 126 -11.28 14.94 4.60
N CYS B 127 -11.17 15.08 3.27
CA CYS B 127 -12.31 15.23 2.35
C CYS B 127 -12.09 14.34 1.12
N SER B 128 -13.04 13.46 0.83
CA SER B 128 -12.90 12.59 -0.35
C SER B 128 -13.12 13.36 -1.62
N PRO B 129 -12.64 12.82 -2.74
CA PRO B 129 -13.26 13.26 -3.99
C PRO B 129 -14.75 12.95 -4.04
N ALA B 130 -15.41 13.36 -5.13
CA ALA B 130 -16.84 13.04 -5.30
C ALA B 130 -16.93 11.55 -5.48
N VAL B 131 -17.85 10.95 -4.75
CA VAL B 131 -18.06 9.50 -4.80
C VAL B 131 -19.53 9.23 -5.17
N CYS B 132 -19.78 8.16 -5.92
CA CYS B 132 -21.15 7.88 -6.38
C CYS B 132 -22.00 7.16 -5.33
N MET B 133 -23.27 7.47 -5.33
CA MET B 133 -24.16 6.90 -4.34
C MET B 133 -24.80 5.57 -4.78
N ASP B 134 -25.13 5.48 -6.07
CA ASP B 134 -25.86 4.33 -6.62
C ASP B 134 -25.76 4.40 -8.13
N PRO B 135 -24.58 4.07 -8.71
CA PRO B 135 -24.22 4.49 -10.06
C PRO B 135 -24.96 3.69 -11.18
N GLY B 136 -25.51 2.53 -10.79
CA GLY B 136 -26.39 1.76 -11.63
C GLY B 136 -27.78 2.42 -11.78
N LEU B 137 -28.17 3.26 -10.84
CA LEU B 137 -29.44 3.94 -10.96
C LEU B 137 -29.38 5.45 -11.17
N SER B 138 -28.60 6.15 -10.33
CA SER B 138 -28.50 7.62 -10.33
C SER B 138 -27.14 8.18 -10.72
N ASN B 139 -27.08 9.47 -10.90
CA ASN B 139 -25.78 10.12 -10.98
C ASN B 139 -25.43 10.76 -9.66
N CYS B 140 -26.15 10.49 -8.57
CA CYS B 140 -25.91 11.25 -7.38
C CYS B 140 -24.50 10.99 -6.84
N THR B 141 -23.86 12.07 -6.35
CA THR B 141 -22.56 11.96 -5.72
C THR B 141 -22.48 12.76 -4.41
N ILE B 142 -21.48 12.43 -3.59
CA ILE B 142 -21.23 13.11 -2.34
C ILE B 142 -19.77 13.23 -2.06
N HIS B 143 -19.44 14.16 -1.18
CA HIS B 143 -18.12 14.19 -0.55
C HIS B 143 -18.30 13.57 0.83
N ILE B 144 -17.48 12.57 1.12
CA ILE B 144 -17.42 12.00 2.44
C ILE B 144 -16.40 12.83 3.18
N VAL B 145 -16.79 13.35 4.36
CA VAL B 145 -15.91 14.34 4.99
C VAL B 145 -15.75 13.85 6.41
N THR B 146 -14.53 13.50 6.72
CA THR B 146 -14.15 13.03 8.04
C THR B 146 -13.89 14.25 8.86
N VAL B 147 -14.51 14.28 10.02
CA VAL B 147 -14.48 15.42 10.89
C VAL B 147 -14.29 14.85 12.27
N THR B 148 -13.38 15.40 13.09
CA THR B 148 -13.37 15.04 14.53
C THR B 148 -14.11 16.05 15.40
N ILE B 149 -14.62 15.60 16.53
CA ILE B 149 -15.35 16.45 17.40
C ILE B 149 -14.74 16.38 18.78
N ASN B 150 -14.09 17.49 19.19
CA ASN B 150 -13.52 17.53 20.53
C ASN B 150 -14.67 17.62 21.50
N GLY B 151 -15.03 16.46 22.01
CA GLY B 151 -16.19 16.37 22.87
C GLY B 151 -15.93 16.93 24.27
N ASP B 152 -14.68 17.33 24.56
CA ASP B 152 -14.34 17.92 25.86
C ASP B 152 -14.35 19.47 25.80
N ASP B 153 -14.57 20.06 24.61
CA ASP B 153 -14.68 21.52 24.50
C ASP B 153 -16.07 21.91 24.91
N ALA B 154 -16.19 22.98 25.69
CA ALA B 154 -17.47 23.40 26.25
C ALA B 154 -18.53 23.68 25.16
N GLU B 155 -18.11 24.04 23.94
CA GLU B 155 -19.09 24.27 22.87
C GLU B 155 -19.82 22.98 22.43
N ASN B 156 -19.20 21.83 22.68
CA ASN B 156 -19.79 20.52 22.36
C ASN B 156 -20.29 19.88 23.61
N ALA B 157 -20.36 20.62 24.72
CA ALA B 157 -20.85 20.01 25.96
C ALA B 157 -22.36 19.75 26.02
N ARG B 158 -23.17 20.58 25.38
CA ARG B 158 -24.63 20.38 25.40
C ARG B 158 -25.16 20.84 24.04
N PRO B 159 -24.88 20.03 22.99
CA PRO B 159 -24.90 20.54 21.62
C PRO B 159 -26.32 20.77 21.10
N LYS B 160 -26.57 21.95 20.52
CA LYS B 160 -27.93 22.40 20.14
C LYS B 160 -28.24 22.09 18.66
N PRO B 161 -28.96 20.96 18.37
CA PRO B 161 -29.20 20.67 16.93
C PRO B 161 -30.21 21.65 16.32
N LYS B 162 -29.78 22.43 15.30
CA LYS B 162 -30.64 23.43 14.61
C LYS B 162 -31.25 22.91 13.27
N PRO B 163 -32.27 22.02 13.34
CA PRO B 163 -32.84 21.50 12.11
C PRO B 163 -33.54 22.58 11.29
N GLY B 164 -33.30 22.63 9.98
CA GLY B 164 -34.12 23.44 9.07
C GLY B 164 -35.58 22.94 8.97
N ASP B 165 -36.42 23.62 8.19
CA ASP B 165 -37.83 23.23 8.03
C ASP B 165 -37.92 21.83 7.41
N GLY B 166 -38.83 21.02 7.95
CA GLY B 166 -39.04 19.64 7.47
C GLY B 166 -38.09 18.55 7.99
N GLU B 167 -36.95 18.92 8.58
CA GLU B 167 -36.04 17.93 9.20
C GLU B 167 -36.50 17.61 10.63
N PHE B 168 -36.42 16.32 10.99
CA PHE B 168 -36.69 15.84 12.34
C PHE B 168 -35.70 14.70 12.61
N VAL B 169 -34.60 15.05 13.28
CA VAL B 169 -33.40 14.21 13.40
C VAL B 169 -33.06 13.83 14.83
N GLU B 170 -32.98 12.54 15.15
CA GLU B 170 -32.47 12.03 16.47
C GLU B 170 -31.01 11.68 16.34
N VAL B 171 -30.19 11.97 17.34
CA VAL B 171 -28.76 11.75 17.23
C VAL B 171 -28.52 10.43 17.93
N ILE B 172 -27.65 9.60 17.34
CA ILE B 172 -27.28 8.32 17.98
C ILE B 172 -25.76 8.19 17.83
N SER B 173 -25.05 8.21 18.97
CA SER B 173 -23.61 7.99 19.01
C SER B 173 -23.27 6.55 19.39
N LEU B 174 -22.38 5.94 18.61
CA LEU B 174 -22.00 4.56 18.84
C LEU B 174 -20.53 4.42 18.94
N PRO B 175 -20.05 3.50 19.80
CA PRO B 175 -18.60 3.31 19.91
C PRO B 175 -18.04 2.78 18.64
N LYS B 176 -16.95 3.39 18.18
CA LYS B 176 -16.30 3.02 16.94
C LYS B 176 -15.74 1.56 16.97
N ASN B 177 -15.19 1.15 18.11
CA ASN B 177 -14.57 -0.17 18.24
C ASN B 177 -15.56 -1.35 18.20
N ASP B 178 -16.87 -1.08 18.36
CA ASP B 178 -17.92 -2.13 18.32
C ASP B 178 -19.06 -1.72 17.36
N LEU B 179 -18.75 -0.95 16.34
CA LEU B 179 -19.79 -0.21 15.62
C LEU B 179 -20.70 -1.22 14.87
N LEU B 180 -20.08 -2.20 14.18
CA LEU B 180 -20.87 -3.14 13.43
C LEU B 180 -21.86 -3.91 14.30
N GLN B 181 -21.39 -4.47 15.41
CA GLN B 181 -22.26 -5.17 16.38
C GLN B 181 -23.33 -4.27 16.98
N ARG B 182 -23.01 -3.02 17.27
CA ARG B 182 -24.05 -2.12 17.77
C ARG B 182 -25.17 -1.80 16.75
N LEU B 183 -24.82 -1.74 15.47
CA LEU B 183 -25.79 -1.46 14.46
C LEU B 183 -26.72 -2.68 14.22
N ASP B 184 -26.13 -3.85 14.24
CA ASP B 184 -26.87 -5.14 14.11
C ASP B 184 -27.92 -5.24 15.19
N ALA B 185 -27.58 -4.81 16.41
CA ALA B 185 -28.55 -4.80 17.49
C ALA B 185 -29.71 -3.85 17.18
N LEU B 186 -29.38 -2.63 16.72
CA LEU B 186 -30.44 -1.68 16.39
C LEU B 186 -31.36 -2.18 15.30
N VAL B 187 -30.82 -2.78 14.25
CA VAL B 187 -31.65 -3.43 13.23
C VAL B 187 -32.47 -4.55 13.90
N ALA B 188 -31.78 -5.42 14.63
CA ALA B 188 -32.40 -6.56 15.29
C ALA B 188 -33.61 -6.17 16.13
N GLU B 189 -33.50 -5.09 16.89
CA GLU B 189 -34.55 -4.73 17.86
C GLU B 189 -35.46 -3.58 17.41
N GLU B 190 -34.91 -2.53 16.81
CA GLU B 190 -35.64 -1.28 16.50
C GLU B 190 -36.27 -1.25 15.10
N HIS B 191 -36.05 -2.27 14.27
CA HIS B 191 -36.48 -2.27 12.86
C HIS B 191 -36.14 -0.94 12.13
N LEU B 192 -34.92 -0.46 12.34
CA LEU B 192 -34.38 0.60 11.53
C LEU B 192 -33.73 -0.05 10.32
N THR B 193 -33.57 0.74 9.28
CA THR B 193 -32.63 0.45 8.21
C THR B 193 -31.32 1.24 8.36
N VAL B 194 -30.21 0.51 8.43
CA VAL B 194 -28.90 1.13 8.39
C VAL B 194 -28.53 1.47 6.97
N ASP B 195 -27.95 2.65 6.78
CA ASP B 195 -27.38 3.10 5.50
C ASP B 195 -26.19 2.27 4.99
N ALA B 196 -26.07 2.09 3.68
CA ALA B 196 -25.01 1.24 3.13
C ALA B 196 -23.59 1.72 3.38
N ARG B 197 -23.37 3.05 3.38
CA ARG B 197 -22.03 3.61 3.52
C ARG B 197 -21.66 3.46 5.01
N VAL B 198 -22.65 3.62 5.85
CA VAL B 198 -22.39 3.45 7.23
C VAL B 198 -22.00 1.98 7.46
N TYR B 199 -22.91 1.07 7.13
CA TYR B 199 -22.56 -0.34 7.20
C TYR B 199 -21.19 -0.71 6.58
N SER B 200 -20.82 -0.13 5.45
CA SER B 200 -19.59 -0.43 4.83
C SER B 200 -18.37 -0.04 5.64
N TYR B 201 -18.50 1.12 6.31
CA TYR B 201 -17.48 1.69 7.22
C TYR B 201 -17.35 0.75 8.45
N ALA B 202 -18.49 0.35 9.02
CA ALA B 202 -18.56 -0.52 10.20
C ALA B 202 -17.95 -1.91 10.04
N LEU B 203 -18.25 -2.51 8.90
CA LEU B 203 -17.56 -3.66 8.37
C LEU B 203 -16.07 -3.55 8.27
N ALA B 204 -15.57 -2.51 7.60
CA ALA B 204 -14.11 -2.39 7.44
C ALA B 204 -13.44 -2.17 8.80
N LEU B 205 -14.14 -1.56 9.77
CA LEU B 205 -13.55 -1.46 11.11
C LEU B 205 -13.22 -2.85 11.61
N LYS B 206 -14.12 -3.81 11.40
CA LYS B 206 -13.92 -5.20 11.80
C LYS B 206 -12.89 -5.89 10.92
N HIS B 207 -13.01 -5.75 9.61
CA HIS B 207 -12.10 -6.39 8.69
C HIS B 207 -10.62 -5.94 8.75
N ALA B 208 -10.35 -4.78 9.34
CA ALA B 208 -9.00 -4.23 9.39
C ALA B 208 -8.05 -5.14 10.16
N ASN B 209 -6.85 -5.29 9.60
CA ASN B 209 -5.79 -6.04 10.24
C ASN B 209 -6.14 -7.53 10.35
N GLN C 16 8.14 -22.58 2.93
CA GLN C 16 9.14 -22.63 4.04
C GLN C 16 8.70 -21.66 5.13
N TYR C 17 9.07 -21.95 6.38
CA TYR C 17 8.67 -21.14 7.53
C TYR C 17 9.55 -21.38 8.74
N ILE C 18 9.56 -20.39 9.63
CA ILE C 18 10.52 -20.32 10.74
C ILE C 18 9.91 -21.01 11.93
N ILE C 19 10.46 -22.18 12.27
CA ILE C 19 9.98 -22.99 13.40
C ILE C 19 10.47 -22.34 14.70
N SER C 20 11.72 -22.61 15.08
CA SER C 20 12.30 -22.04 16.28
C SER C 20 13.61 -21.39 15.89
N GLU C 21 13.92 -20.30 16.60
CA GLU C 21 15.21 -19.61 16.52
C GLU C 21 15.75 -19.42 17.95
N GLU C 22 17.03 -19.75 18.15
CA GLU C 22 17.60 -19.97 19.49
C GLU C 22 18.73 -19.00 19.89
N LEU C 23 18.50 -18.22 20.96
CA LEU C 23 19.52 -17.38 21.63
C LEU C 23 20.81 -18.17 21.89
N ILE C 24 21.83 -17.96 21.05
CA ILE C 24 23.15 -18.62 21.20
C ILE C 24 24.20 -17.74 21.86
N SER C 25 23.90 -16.45 21.99
CA SER C 25 24.81 -15.48 22.58
C SER C 25 24.27 -14.09 22.28
N GLU C 26 23.94 -13.34 23.33
CA GLU C 26 23.39 -11.99 23.20
C GLU C 26 24.41 -11.03 23.72
N GLY C 27 24.87 -10.13 22.84
CA GLY C 27 25.71 -8.98 23.22
C GLY C 27 24.83 -7.80 23.57
N LYS C 28 25.46 -6.71 23.99
CA LYS C 28 24.73 -5.48 24.35
C LYS C 28 24.10 -4.75 23.12
N TRP C 29 24.68 -4.94 21.93
CA TRP C 29 24.20 -4.32 20.69
C TRP C 29 23.96 -5.26 19.50
N VAL C 30 24.27 -6.56 19.66
CA VAL C 30 24.00 -7.56 18.62
C VAL C 30 23.89 -9.00 19.24
N LYS C 31 23.22 -9.93 18.56
CA LYS C 31 23.08 -11.35 19.04
C LYS C 31 23.10 -12.43 17.92
N LEU C 32 23.37 -13.68 18.33
CA LEU C 32 23.41 -14.82 17.40
C LEU C 32 22.27 -15.85 17.63
N GLU C 33 21.93 -16.61 16.57
CA GLU C 33 20.84 -17.58 16.61
C GLU C 33 20.97 -18.88 15.73
N LYS C 34 20.43 -19.97 16.26
CA LYS C 34 20.25 -21.21 15.50
C LYS C 34 18.81 -21.13 15.00
N THR C 35 18.65 -20.97 13.70
CA THR C 35 17.34 -20.72 13.09
C THR C 35 16.79 -21.98 12.39
N THR C 36 16.03 -22.79 13.14
CA THR C 36 15.45 -24.05 12.62
C THR C 36 14.16 -23.77 11.88
N TYR C 37 13.99 -24.42 10.73
CA TYR C 37 13.04 -24.01 9.70
C TYR C 37 12.65 -25.21 8.75
N MET C 38 11.39 -25.29 8.33
CA MET C 38 10.96 -26.35 7.39
C MET C 38 11.35 -25.99 5.99
N ASP C 39 12.13 -26.83 5.31
CA ASP C 39 12.47 -26.52 3.91
C ASP C 39 11.26 -26.74 3.02
N PRO C 40 11.43 -26.56 1.69
CA PRO C 40 10.41 -26.72 0.62
C PRO C 40 9.86 -28.15 0.48
N THR C 41 10.76 -29.14 0.49
CA THR C 41 10.40 -30.57 0.52
C THR C 41 9.92 -31.12 1.91
N GLY C 42 9.88 -30.26 2.95
CA GLY C 42 9.33 -30.58 4.29
C GLY C 42 10.37 -30.67 5.40
N LYS C 43 11.53 -31.27 5.03
CA LYS C 43 12.68 -31.52 5.92
C LYS C 43 13.05 -30.38 6.87
N THR C 44 13.13 -30.74 8.17
CA THR C 44 13.60 -29.83 9.22
C THR C 44 15.11 -29.60 8.91
N ARG C 45 15.51 -28.31 8.80
CA ARG C 45 16.92 -27.85 8.65
C ARG C 45 17.21 -26.68 9.58
N THR C 46 18.48 -26.29 9.68
CA THR C 46 18.89 -25.23 10.61
C THR C 46 19.86 -24.20 10.00
N TRP C 47 20.07 -23.07 10.69
CA TRP C 47 20.89 -21.93 10.15
C TRP C 47 21.54 -21.04 11.21
N GLU C 48 22.79 -20.64 10.95
CA GLU C 48 23.49 -19.69 11.81
C GLU C 48 23.07 -18.24 11.44
N SER C 49 22.27 -17.61 12.33
CA SER C 49 21.52 -16.36 12.06
C SER C 49 21.88 -15.22 13.01
N VAL C 50 22.05 -14.01 12.44
CA VAL C 50 22.39 -12.79 13.17
C VAL C 50 21.22 -11.84 13.28
N LYS C 51 21.11 -11.13 14.42
CA LYS C 51 20.11 -10.07 14.62
C LYS C 51 20.65 -8.99 15.51
N ARG C 52 20.29 -7.71 15.26
CA ARG C 52 20.67 -6.54 16.10
C ARG C 52 19.64 -6.43 17.20
N THR C 53 19.92 -5.61 18.22
CA THR C 53 19.08 -5.65 19.43
C THR C 53 18.01 -4.59 19.66
N THR C 54 18.26 -3.36 19.23
CA THR C 54 17.47 -2.20 19.69
C THR C 54 16.42 -1.61 18.70
N ARG C 55 15.85 -2.46 17.84
CA ARG C 55 14.69 -2.07 16.98
C ARG C 55 13.35 -2.30 17.71
N LYS C 56 12.38 -1.42 17.46
CA LYS C 56 11.13 -1.35 18.25
C LYS C 56 9.89 -1.87 17.51
N GLN C 58 10.25 -0.34 14.98
CA GLN C 58 10.30 0.75 14.03
C GLN C 58 10.30 0.22 12.58
N THR C 59 10.31 1.16 11.63
CA THR C 59 10.10 0.86 10.19
C THR C 59 11.20 -0.03 9.55
N ALA C 60 12.37 -0.04 10.19
CA ALA C 60 13.51 -0.88 9.86
C ALA C 60 14.60 -0.53 10.87
N ASP C 61 15.74 -1.20 10.80
CA ASP C 61 16.86 -0.84 11.69
C ASP C 61 17.32 0.55 11.40
N GLY C 62 17.65 0.79 10.12
CA GLY C 62 18.31 2.04 9.81
C GLY C 62 17.83 2.70 8.55
N VAL C 63 18.47 3.84 8.29
CA VAL C 63 18.37 4.47 6.98
C VAL C 63 19.75 4.70 6.40
N ALA C 64 19.81 4.63 5.08
CA ALA C 64 20.93 5.08 4.31
C ALA C 64 20.42 6.15 3.37
N VAL C 65 21.15 7.25 3.30
CA VAL C 65 20.70 8.42 2.60
C VAL C 65 21.53 8.45 1.33
N ILE C 66 20.84 8.47 0.20
CA ILE C 66 21.45 8.72 -1.09
C ILE C 66 21.36 10.24 -1.32
N PRO C 67 22.50 10.95 -1.10
CA PRO C 67 22.35 12.40 -1.04
C PRO C 67 22.84 13.01 -2.31
N VAL C 68 21.91 13.58 -3.03
CA VAL C 68 22.24 14.08 -4.42
C VAL C 68 22.37 15.62 -4.28
N LEU C 69 23.62 16.01 -4.41
CA LEU C 69 24.05 17.43 -4.38
C LEU C 69 23.84 18.01 -5.79
N GLN C 70 22.94 18.95 -5.89
CA GLN C 70 22.48 19.57 -7.12
C GLN C 70 22.89 21.02 -7.06
N ARG C 71 23.50 21.45 -8.13
CA ARG C 71 24.07 22.81 -8.22
C ARG C 71 23.94 23.29 -9.67
N THR C 72 23.59 24.57 -9.87
CA THR C 72 23.23 25.21 -11.12
C THR C 72 24.24 24.93 -12.22
N LEU C 73 25.50 25.03 -11.83
CA LEU C 73 26.63 25.00 -12.72
C LEU C 73 27.30 23.64 -12.89
N HIS C 74 26.86 22.59 -12.21
CA HIS C 74 27.66 21.38 -12.09
C HIS C 74 26.79 20.17 -12.34
N TYR C 75 27.46 19.12 -12.71
CA TYR C 75 26.82 17.81 -12.64
C TYR C 75 26.47 17.45 -11.20
N GLU C 76 25.51 16.56 -11.08
CA GLU C 76 25.12 16.04 -9.77
C GLU C 76 26.29 15.30 -9.19
N CYS C 77 26.44 15.43 -7.86
CA CYS C 77 27.33 14.62 -7.10
C CYS C 77 26.55 13.79 -6.15
N ILE C 78 27.13 12.68 -5.76
CA ILE C 78 26.61 11.80 -4.69
C ILE C 78 27.54 12.08 -3.51
N VAL C 79 26.97 12.48 -2.39
CA VAL C 79 27.75 12.78 -1.15
C VAL C 79 27.92 11.48 -0.41
N LEU C 80 29.14 11.09 -0.15
CA LEU C 80 29.47 9.92 0.63
C LEU C 80 30.27 10.30 1.87
N VAL C 81 30.38 9.35 2.77
CA VAL C 81 31.19 9.51 3.96
C VAL C 81 32.21 8.41 4.17
N LYS C 82 33.36 8.81 4.65
CA LYS C 82 34.43 7.93 4.97
C LYS C 82 34.66 7.97 6.50
N GLN C 83 34.71 6.77 7.04
CA GLN C 83 34.90 6.56 8.47
C GLN C 83 35.61 5.24 8.74
N PHE C 84 36.32 5.28 9.86
CA PHE C 84 36.85 4.09 10.40
C PHE C 84 35.66 3.31 10.89
N ARG C 85 35.64 2.04 10.55
CA ARG C 85 34.68 1.07 11.03
C ARG C 85 35.39 -0.08 11.77
N PRO C 86 35.24 -0.11 13.09
CA PRO C 86 35.95 -1.14 13.86
C PRO C 86 35.76 -2.57 13.43
N PRO C 87 34.53 -2.99 13.08
CA PRO C 87 34.33 -4.34 12.58
C PRO C 87 35.18 -4.77 11.37
N MET C 88 35.52 -3.80 10.51
CA MET C 88 36.24 -4.02 9.26
C MET C 88 37.75 -3.77 9.44
N GLY C 89 38.13 -3.14 10.54
CA GLY C 89 39.53 -2.88 10.86
C GLY C 89 40.11 -1.76 10.07
N GLY C 90 39.25 -0.91 9.47
CA GLY C 90 39.75 0.06 8.52
C GLY C 90 38.65 0.93 8.03
N TYR C 91 38.98 1.67 7.00
CA TYR C 91 38.16 2.77 6.63
C TYR C 91 37.24 2.30 5.53
N CYS C 92 36.02 2.81 5.55
CA CYS C 92 35.02 2.43 4.58
C CYS C 92 34.36 3.64 4.05
N ILE C 93 33.97 3.58 2.77
CA ILE C 93 33.23 4.59 2.12
C ILE C 93 31.76 4.13 1.94
N GLU C 94 30.85 4.96 2.38
CA GLU C 94 29.41 4.64 2.57
C GLU C 94 28.47 5.79 2.31
N PHE C 95 27.17 5.47 2.08
CA PHE C 95 26.13 6.43 2.13
C PHE C 95 26.03 6.90 3.61
N PRO C 96 25.83 8.19 3.88
CA PRO C 96 25.44 8.69 5.21
C PRO C 96 24.24 7.86 5.74
N ALA C 97 24.30 7.54 7.03
CA ALA C 97 23.53 6.44 7.57
C ALA C 97 23.59 6.42 9.08
N GLY C 98 22.51 5.93 9.69
CA GLY C 98 22.37 5.89 11.14
C GLY C 98 21.08 5.18 11.49
N LEU C 99 20.98 4.67 12.70
CA LEU C 99 19.77 3.94 13.09
C LEU C 99 18.60 4.96 13.30
N ILE C 100 17.41 4.59 12.80
CA ILE C 100 16.17 5.37 13.00
C ILE C 100 15.90 5.55 14.53
N ASP C 101 15.95 6.78 15.06
CA ASP C 101 15.70 7.05 16.51
C ASP C 101 14.27 6.69 17.01
N ASP C 102 14.04 6.83 18.33
CA ASP C 102 12.71 6.60 18.93
C ASP C 102 11.64 7.64 18.52
N GLY C 103 10.59 7.15 17.85
CA GLY C 103 9.49 7.99 17.40
C GLY C 103 9.86 8.89 16.24
N GLU C 104 10.99 8.62 15.57
CA GLU C 104 11.40 9.33 14.36
C GLU C 104 10.83 8.58 13.19
N THR C 105 10.20 9.30 12.29
CA THR C 105 10.03 8.86 10.90
C THR C 105 11.43 8.47 10.33
N PRO C 106 11.48 7.52 9.36
CA PRO C 106 12.73 7.35 8.60
C PRO C 106 13.16 8.64 7.87
N GLU C 107 12.19 9.31 7.25
CA GLU C 107 12.48 10.55 6.57
C GLU C 107 13.19 11.56 7.48
N ALA C 108 12.77 11.74 8.75
CA ALA C 108 13.38 12.76 9.59
C ALA C 108 14.78 12.34 10.05
N ALA C 109 14.93 11.03 10.15
CA ALA C 109 16.19 10.40 10.50
C ALA C 109 17.23 10.60 9.37
N ALA C 110 16.78 10.40 8.12
CA ALA C 110 17.55 10.65 6.89
C ALA C 110 18.06 12.09 6.78
N LEU C 111 17.18 13.09 6.98
CA LEU C 111 17.62 14.50 7.10
C LEU C 111 18.54 14.83 8.30
N ARG C 112 18.28 14.20 9.45
CA ARG C 112 19.15 14.39 10.62
C ARG C 112 20.50 13.68 10.46
N GLU C 113 20.51 12.44 10.03
CA GLU C 113 21.79 11.74 9.79
C GLU C 113 22.62 12.46 8.72
N LEU C 114 21.95 12.90 7.65
CA LEU C 114 22.65 13.71 6.60
C LEU C 114 23.23 15.02 7.14
N GLU C 115 22.42 15.84 7.79
CA GLU C 115 22.96 17.04 8.38
C GLU C 115 24.11 16.75 9.38
N GLU C 116 24.02 15.68 10.16
CA GLU C 116 25.06 15.40 11.17
C GLU C 116 26.41 14.98 10.55
N GLU C 117 26.32 14.13 9.55
CA GLU C 117 27.48 13.47 9.04
C GLU C 117 28.13 14.28 7.93
N THR C 118 27.38 15.22 7.36
CA THR C 118 27.84 16.03 6.23
C THR C 118 27.70 17.53 6.37
N GLY C 119 26.85 18.07 7.27
CA GLY C 119 26.49 19.52 7.30
C GLY C 119 25.49 19.99 6.24
N TYR C 120 25.11 19.12 5.29
CA TYR C 120 24.17 19.51 4.28
C TYR C 120 22.73 19.48 4.78
N LYS C 121 21.95 20.48 4.37
CA LYS C 121 20.53 20.47 4.60
C LYS C 121 19.83 20.09 3.29
N GLY C 122 19.08 19.02 3.32
CA GLY C 122 18.46 18.42 2.11
C GLY C 122 16.95 18.36 2.21
N ASP C 123 16.35 17.85 1.15
CA ASP C 123 14.91 17.65 0.99
C ASP C 123 14.66 16.22 0.59
N ILE C 124 13.64 15.59 1.19
CA ILE C 124 13.35 14.22 0.84
C ILE C 124 12.87 14.19 -0.60
N ALA C 125 13.36 13.22 -1.34
CA ALA C 125 12.81 12.93 -2.66
C ALA C 125 11.97 11.65 -2.68
N GLU C 126 12.47 10.59 -2.08
CA GLU C 126 11.84 9.28 -2.20
C GLU C 126 12.33 8.47 -1.00
N CYS C 127 11.52 7.51 -0.61
CA CYS C 127 11.85 6.67 0.52
C CYS C 127 11.43 5.25 0.16
N SER C 128 12.38 4.32 0.23
CA SER C 128 12.14 2.93 -0.14
C SER C 128 11.42 2.23 1.00
N PRO C 129 10.82 1.07 0.74
CA PRO C 129 10.39 0.28 1.88
C PRO C 129 11.60 -0.45 2.49
N ALA C 130 11.43 -1.19 3.58
CA ALA C 130 12.50 -2.11 4.11
C ALA C 130 13.16 -3.02 3.08
N VAL C 131 14.48 -2.82 2.90
CA VAL C 131 15.32 -3.68 2.05
C VAL C 131 16.37 -4.37 2.93
N CYS C 132 16.63 -5.63 2.65
CA CYS C 132 17.55 -6.41 3.51
C CYS C 132 19.05 -6.06 3.20
N MET C 133 19.82 -5.98 4.27
CA MET C 133 21.31 -5.77 4.22
C MET C 133 22.15 -6.99 3.87
N ASP C 134 21.98 -8.05 4.64
CA ASP C 134 22.68 -9.32 4.40
C ASP C 134 21.65 -10.39 4.85
N PRO C 135 20.83 -10.91 3.90
CA PRO C 135 19.71 -11.80 4.24
C PRO C 135 20.09 -13.31 4.37
N GLY C 136 21.18 -13.76 3.74
CA GLY C 136 21.88 -15.03 4.04
C GLY C 136 22.44 -15.20 5.46
N LEU C 137 22.53 -14.11 6.21
CA LEU C 137 23.18 -14.07 7.48
C LEU C 137 22.63 -13.11 8.55
N SER C 138 21.88 -12.11 8.19
CA SER C 138 21.25 -11.25 9.17
C SER C 138 19.85 -10.89 8.68
N ASN C 139 19.09 -10.30 9.59
CA ASN C 139 17.73 -9.82 9.29
C ASN C 139 17.74 -8.31 9.10
N CYS C 140 18.94 -7.72 8.99
CA CYS C 140 19.10 -6.28 9.12
C CYS C 140 18.54 -5.58 7.91
N THR C 141 17.77 -4.54 8.19
CA THR C 141 16.96 -3.80 7.18
C THR C 141 17.21 -2.30 7.17
N ILE C 142 17.13 -1.76 5.95
CA ILE C 142 17.12 -0.33 5.89
C ILE C 142 16.03 0.19 4.99
N HIS C 143 15.62 1.45 5.23
CA HIS C 143 15.12 2.35 4.16
C HIS C 143 16.25 3.14 3.47
N ILE C 144 16.33 3.00 2.14
CA ILE C 144 17.16 3.85 1.32
C ILE C 144 16.31 5.09 0.98
N VAL C 145 16.72 6.25 1.52
CA VAL C 145 16.02 7.49 1.34
C VAL C 145 16.85 8.39 0.39
N THR C 146 16.27 8.68 -0.78
CA THR C 146 16.87 9.60 -1.72
C THR C 146 16.63 11.02 -1.23
N VAL C 147 17.71 11.83 -1.08
CA VAL C 147 17.62 13.25 -0.65
C VAL C 147 18.34 14.17 -1.61
N THR C 148 17.69 15.28 -1.99
CA THR C 148 18.32 16.26 -2.88
C THR C 148 18.80 17.36 -2.02
N ILE C 149 19.96 17.84 -2.35
CA ILE C 149 20.56 18.93 -1.61
C ILE C 149 20.70 20.07 -2.61
N ASN C 150 20.12 21.25 -2.33
CA ASN C 150 20.38 22.46 -3.12
C ASN C 150 21.71 23.02 -2.64
N GLY C 151 22.72 22.73 -3.43
CA GLY C 151 24.08 23.16 -3.26
C GLY C 151 24.34 24.62 -3.52
N ASP C 152 23.42 25.31 -4.17
CA ASP C 152 23.57 26.75 -4.38
C ASP C 152 22.98 27.61 -3.30
N ASP C 153 22.08 27.05 -2.54
CA ASP C 153 21.45 27.80 -1.48
C ASP C 153 22.55 28.22 -0.47
N ALA C 154 22.57 29.51 -0.19
CA ALA C 154 23.51 30.05 0.76
C ALA C 154 23.58 29.19 2.04
N GLU C 155 22.45 28.59 2.45
CA GLU C 155 22.45 27.70 3.62
C GLU C 155 23.34 26.47 3.57
N ASN C 156 23.67 25.99 2.36
CA ASN C 156 24.54 24.92 2.18
C ASN C 156 25.91 25.36 1.72
N ALA C 157 26.25 26.65 1.85
CA ALA C 157 27.50 27.13 1.32
C ALA C 157 28.74 26.61 2.06
N ARG C 158 28.66 26.47 3.37
CA ARG C 158 29.83 26.05 4.12
C ARG C 158 29.35 24.96 5.01
N PRO C 159 29.05 23.77 4.45
CA PRO C 159 28.56 22.68 5.26
C PRO C 159 29.58 22.12 6.25
N LYS C 160 29.16 21.94 7.50
CA LYS C 160 30.04 21.46 8.57
C LYS C 160 29.35 20.32 9.26
N PRO C 161 29.91 19.11 9.15
CA PRO C 161 29.38 18.06 9.94
C PRO C 161 29.32 18.54 11.40
N LYS C 162 28.28 18.18 12.10
CA LYS C 162 28.26 18.29 13.55
C LYS C 162 27.93 16.85 13.96
N PRO C 163 28.96 15.97 14.04
CA PRO C 163 28.65 14.62 14.37
C PRO C 163 28.88 14.45 15.86
N GLY C 164 28.57 13.27 16.36
CA GLY C 164 28.54 13.03 17.78
C GLY C 164 29.88 13.11 18.45
N ASP C 165 29.84 13.06 19.78
CA ASP C 165 30.91 12.47 20.53
C ASP C 165 30.96 11.01 20.07
N GLY C 166 32.14 10.52 19.67
CA GLY C 166 32.26 9.18 19.09
C GLY C 166 32.25 9.05 17.55
N GLU C 167 31.84 10.08 16.80
CA GLU C 167 31.77 9.98 15.33
C GLU C 167 32.82 10.87 14.69
N PHE C 168 33.54 10.32 13.72
CA PHE C 168 34.60 11.06 13.05
C PHE C 168 34.34 10.77 11.58
N VAL C 169 34.01 11.80 10.83
CA VAL C 169 33.52 11.58 9.49
C VAL C 169 34.15 12.55 8.55
N GLU C 170 34.54 12.01 7.40
CA GLU C 170 35.10 12.78 6.31
C GLU C 170 34.09 12.68 5.21
N VAL C 171 33.81 13.78 4.58
CA VAL C 171 32.85 13.87 3.49
C VAL C 171 33.59 13.84 2.17
N ILE C 172 33.08 13.04 1.24
CA ILE C 172 33.64 12.88 -0.16
C ILE C 172 32.43 12.96 -1.10
N SER C 173 32.31 14.01 -1.90
CA SER C 173 31.26 14.15 -2.92
C SER C 173 31.88 13.78 -4.25
N LEU C 174 31.25 12.88 -5.01
CA LEU C 174 31.78 12.39 -6.26
C LEU C 174 30.72 12.50 -7.36
N PRO C 175 31.15 12.75 -8.59
CA PRO C 175 30.13 12.95 -9.62
C PRO C 175 29.32 11.70 -9.92
N LYS C 176 28.00 11.85 -9.95
CA LYS C 176 27.06 10.77 -10.29
C LYS C 176 27.42 10.13 -11.65
N ASN C 177 27.68 10.99 -12.65
CA ASN C 177 28.06 10.53 -13.99
C ASN C 177 29.45 9.87 -14.14
N ASP C 178 30.17 9.67 -13.04
CA ASP C 178 31.42 8.95 -13.04
C ASP C 178 31.66 8.14 -11.77
N LEU C 179 30.59 7.71 -11.10
CA LEU C 179 30.75 7.25 -9.73
C LEU C 179 31.73 6.09 -9.63
N LEU C 180 31.53 5.08 -10.48
CA LEU C 180 32.26 3.86 -10.38
C LEU C 180 33.75 4.09 -10.55
N GLN C 181 34.13 4.74 -11.66
CA GLN C 181 35.50 5.13 -11.93
C GLN C 181 36.13 5.89 -10.74
N ARG C 182 35.46 6.91 -10.31
CA ARG C 182 35.93 7.65 -9.16
C ARG C 182 36.08 6.82 -7.92
N LEU C 183 35.18 5.87 -7.61
CA LEU C 183 35.36 4.98 -6.47
C LEU C 183 36.57 4.02 -6.59
N ASP C 184 36.68 3.36 -7.74
CA ASP C 184 37.85 2.56 -8.13
C ASP C 184 39.16 3.40 -7.97
N ALA C 185 39.16 4.67 -8.36
CA ALA C 185 40.36 5.50 -8.17
C ALA C 185 40.70 5.70 -6.69
N LEU C 186 39.69 6.02 -5.84
CA LEU C 186 39.92 6.10 -4.38
C LEU C 186 40.49 4.86 -3.76
N VAL C 187 39.93 3.73 -4.17
CA VAL C 187 40.30 2.39 -3.74
C VAL C 187 41.75 2.12 -4.11
N ALA C 188 42.13 2.47 -5.34
CA ALA C 188 43.48 2.23 -5.84
C ALA C 188 44.51 3.03 -5.05
N GLU C 189 44.19 4.27 -4.68
CA GLU C 189 45.12 5.13 -3.92
C GLU C 189 45.30 4.81 -2.39
N GLU C 190 44.34 4.11 -1.77
CA GLU C 190 44.29 3.95 -0.31
C GLU C 190 43.74 2.61 0.02
N HIS C 191 44.02 2.05 1.20
CA HIS C 191 43.14 0.96 1.60
C HIS C 191 41.90 1.48 2.30
N LEU C 192 40.82 1.42 1.52
CA LEU C 192 39.50 1.64 2.04
C LEU C 192 38.62 0.70 1.29
N THR C 193 37.48 0.43 1.90
CA THR C 193 36.51 -0.54 1.32
C THR C 193 35.29 0.26 0.90
N VAL C 194 34.77 -0.01 -0.29
CA VAL C 194 33.53 0.61 -0.71
C VAL C 194 32.37 -0.23 -0.18
N ASP C 195 31.35 0.39 0.34
CA ASP C 195 30.06 -0.26 0.69
C ASP C 195 29.38 -0.90 -0.50
N ALA C 196 28.84 -2.11 -0.32
CA ALA C 196 28.18 -2.84 -1.41
C ALA C 196 26.96 -2.15 -2.03
N ARG C 197 26.22 -1.44 -1.21
CA ARG C 197 25.10 -0.66 -1.75
C ARG C 197 25.56 0.53 -2.58
N VAL C 198 26.62 1.19 -2.11
CA VAL C 198 27.22 2.23 -2.90
C VAL C 198 27.73 1.71 -4.23
N TYR C 199 28.40 0.56 -4.25
CA TYR C 199 29.00 0.02 -5.47
C TYR C 199 27.93 -0.44 -6.46
N SER C 200 26.89 -1.04 -5.95
CA SER C 200 25.74 -1.49 -6.76
C SER C 200 25.04 -0.35 -7.38
N TYR C 201 24.88 0.71 -6.58
CA TYR C 201 24.40 2.01 -7.10
C TYR C 201 25.28 2.50 -8.24
N ALA C 202 26.61 2.50 -8.05
CA ALA C 202 27.52 2.94 -9.17
C ALA C 202 27.50 2.06 -10.46
N LEU C 203 27.34 0.77 -10.30
CA LEU C 203 27.36 -0.13 -11.48
C LEU C 203 26.10 0.14 -12.34
N ALA C 204 24.94 0.21 -11.70
CA ALA C 204 23.65 0.63 -12.38
C ALA C 204 23.75 1.99 -13.11
N LEU C 205 24.38 3.00 -12.46
CA LEU C 205 24.52 4.24 -13.11
C LEU C 205 25.28 4.04 -14.43
N LYS C 206 26.34 3.25 -14.36
CA LYS C 206 27.23 2.99 -15.50
C LYS C 206 26.59 2.17 -16.65
N HIS C 207 25.73 1.22 -16.25
CA HIS C 207 25.00 0.39 -17.18
C HIS C 207 23.79 1.02 -17.82
N ALA C 208 23.22 2.05 -17.20
CA ALA C 208 21.86 2.44 -17.56
C ALA C 208 21.75 2.92 -19.01
N LYS D 15 45.57 7.00 11.28
CA LYS D 15 44.81 7.93 12.18
C LYS D 15 44.03 7.18 13.25
N GLN D 16 43.28 6.14 12.87
CA GLN D 16 42.60 5.24 13.78
C GLN D 16 43.10 3.84 13.62
N TYR D 17 43.02 3.03 14.68
CA TYR D 17 43.43 1.62 14.58
C TYR D 17 42.81 0.67 15.59
N ILE D 18 42.82 -0.61 15.22
CA ILE D 18 42.38 -1.74 16.00
C ILE D 18 43.48 -2.07 17.02
N ILE D 19 43.10 -2.71 18.13
CA ILE D 19 44.00 -3.09 19.24
C ILE D 19 43.80 -4.56 19.58
N SER D 20 42.58 -4.91 19.95
CA SER D 20 42.25 -6.28 20.39
C SER D 20 41.03 -6.80 19.65
N GLU D 21 41.02 -8.11 19.41
CA GLU D 21 39.84 -8.81 18.92
C GLU D 21 39.47 -9.92 19.91
N GLU D 22 38.94 -9.50 21.06
CA GLU D 22 38.37 -10.41 22.09
C GLU D 22 37.18 -11.18 21.51
N LEU D 23 37.41 -12.42 21.09
CA LEU D 23 36.33 -13.33 20.66
C LEU D 23 35.27 -13.52 21.76
N ILE D 24 34.00 -13.25 21.46
CA ILE D 24 32.89 -13.36 22.46
C ILE D 24 32.04 -14.63 22.36
N SER D 25 31.77 -15.08 21.13
CA SER D 25 30.99 -16.30 20.93
C SER D 25 31.17 -16.87 19.51
N GLU D 26 31.63 -18.12 19.41
CA GLU D 26 31.82 -18.80 18.13
C GLU D 26 30.56 -19.60 17.76
N GLY D 27 30.61 -20.35 16.66
CA GLY D 27 29.44 -21.13 16.18
C GLY D 27 29.58 -21.83 14.83
N LYS D 28 28.47 -22.39 14.35
CA LYS D 28 28.37 -23.20 13.11
C LYS D 28 29.07 -22.61 11.87
N TRP D 29 28.56 -21.48 11.40
CA TRP D 29 29.13 -20.74 10.26
C TRP D 29 29.42 -19.23 10.55
N VAL D 30 29.17 -18.78 11.79
CA VAL D 30 29.31 -17.34 12.16
C VAL D 30 29.73 -17.25 13.60
N LYS D 31 30.16 -16.06 13.99
CA LYS D 31 30.83 -15.81 15.25
C LYS D 31 30.82 -14.33 15.54
N LEU D 32 30.93 -13.98 16.82
CA LEU D 32 30.81 -12.60 17.32
C LEU D 32 32.03 -12.24 18.18
N GLU D 33 32.47 -10.97 18.11
CA GLU D 33 33.62 -10.42 18.85
C GLU D 33 33.37 -9.03 19.39
N LYS D 34 33.99 -8.74 20.53
CA LYS D 34 34.19 -7.36 20.99
C LYS D 34 35.55 -6.91 20.41
N THR D 35 35.69 -5.59 20.25
CA THR D 35 36.79 -4.91 19.51
C THR D 35 37.23 -3.66 20.28
N THR D 36 38.53 -3.34 20.27
CA THR D 36 39.02 -2.08 20.87
C THR D 36 39.79 -1.24 19.84
N TYR D 37 39.70 0.09 19.93
CA TYR D 37 40.38 0.94 18.93
C TYR D 37 40.68 2.30 19.47
N MET D 38 41.63 2.98 18.82
CA MET D 38 41.99 4.35 19.15
C MET D 38 41.32 5.29 18.16
N ASP D 39 40.57 6.28 18.65
CA ASP D 39 39.95 7.33 17.81
C ASP D 39 40.98 8.41 17.43
N PRO D 40 40.59 9.44 16.67
CA PRO D 40 41.64 10.38 16.21
C PRO D 40 42.37 11.23 17.28
N THR D 41 41.73 11.53 18.41
CA THR D 41 42.42 12.27 19.50
C THR D 41 43.48 11.42 20.24
N GLY D 42 43.27 10.10 20.27
CA GLY D 42 44.04 9.17 21.12
C GLY D 42 43.20 8.47 22.19
N LYS D 43 41.91 8.77 22.21
CA LYS D 43 40.97 8.12 23.14
C LYS D 43 40.75 6.67 22.75
N THR D 44 40.83 5.77 23.73
CA THR D 44 40.41 4.38 23.56
C THR D 44 38.89 4.35 23.54
N ARG D 45 38.32 3.45 22.73
CA ARG D 45 36.86 3.16 22.66
C ARG D 45 36.71 1.65 22.40
N THR D 46 35.47 1.14 22.38
CA THR D 46 35.20 -0.27 22.05
C THR D 46 33.97 -0.38 21.12
N TRP D 47 33.65 -1.60 20.70
CA TRP D 47 32.67 -1.87 19.64
C TRP D 47 32.43 -3.39 19.52
N GLU D 48 31.24 -3.81 19.08
CA GLU D 48 30.85 -5.25 18.95
C GLU D 48 30.58 -5.64 17.49
N SER D 49 31.14 -6.77 17.05
CA SER D 49 31.17 -7.19 15.57
C SER D 49 31.04 -8.66 15.20
N VAL D 50 30.90 -8.96 13.90
CA VAL D 50 30.39 -10.24 13.42
C VAL D 50 31.18 -10.84 12.22
N LYS D 51 31.71 -12.06 12.37
CA LYS D 51 32.48 -12.65 11.28
C LYS D 51 32.02 -14.05 10.96
N ARG D 52 32.08 -14.40 9.68
CA ARG D 52 31.88 -15.73 9.21
C ARG D 52 33.19 -16.45 9.57
N THR D 53 33.12 -17.75 9.77
CA THR D 53 34.24 -18.49 10.30
C THR D 53 34.19 -19.69 9.42
N THR D 54 34.78 -19.51 8.25
CA THR D 54 34.31 -20.17 7.03
C THR D 54 35.38 -20.11 5.93
N ALA D 60 37.78 -12.26 1.42
CA ALA D 60 36.62 -12.11 0.52
C ALA D 60 35.62 -13.29 0.63
N ASP D 61 34.51 -13.14 1.38
CA ASP D 61 33.55 -14.29 1.57
C ASP D 61 32.72 -14.80 0.36
N GLY D 62 32.01 -13.87 -0.32
CA GLY D 62 30.96 -14.20 -1.29
C GLY D 62 31.19 -13.64 -2.69
N VAL D 63 30.34 -14.05 -3.60
CA VAL D 63 30.14 -13.28 -4.85
C VAL D 63 28.65 -13.04 -5.07
N ALA D 64 28.32 -11.90 -5.69
CA ALA D 64 26.97 -11.56 -6.08
C ALA D 64 27.08 -11.40 -7.59
N VAL D 65 26.04 -11.85 -8.29
CA VAL D 65 26.14 -11.79 -9.78
C VAL D 65 25.06 -10.82 -10.21
N ILE D 66 25.43 -9.93 -11.14
CA ILE D 66 24.49 -9.07 -11.79
C ILE D 66 24.32 -9.65 -13.20
N PRO D 67 23.31 -10.53 -13.34
CA PRO D 67 23.14 -11.25 -14.59
C PRO D 67 22.24 -10.48 -15.57
N VAL D 68 22.81 -10.04 -16.68
CA VAL D 68 22.12 -9.33 -17.76
C VAL D 68 21.88 -10.30 -18.96
N LEU D 69 20.63 -10.73 -19.13
CA LEU D 69 20.21 -11.67 -20.19
C LEU D 69 19.93 -10.90 -21.50
N GLN D 70 20.81 -11.04 -22.49
CA GLN D 70 20.76 -10.28 -23.77
C GLN D 70 20.31 -11.17 -24.98
N ARG D 71 19.21 -10.79 -25.62
CA ARG D 71 18.82 -11.30 -26.96
C ARG D 71 18.77 -10.15 -27.97
N THR D 72 19.32 -10.36 -29.16
CA THR D 72 19.19 -9.35 -30.22
C THR D 72 17.70 -9.06 -30.47
N LEU D 73 17.37 -7.83 -30.83
CA LEU D 73 15.96 -7.43 -30.98
C LEU D 73 15.06 -7.50 -29.76
N HIS D 74 15.66 -7.60 -28.58
CA HIS D 74 14.88 -7.61 -27.36
C HIS D 74 15.50 -6.61 -26.39
N TYR D 75 14.71 -6.22 -25.38
CA TYR D 75 15.13 -5.52 -24.14
C TYR D 75 16.04 -6.45 -23.35
N GLU D 76 16.83 -5.87 -22.44
CA GLU D 76 17.64 -6.61 -21.47
C GLU D 76 16.78 -6.90 -20.21
N CYS D 77 17.03 -8.03 -19.58
CA CYS D 77 16.39 -8.46 -18.33
C CYS D 77 17.49 -8.75 -17.35
N ILE D 78 17.17 -8.60 -16.08
CA ILE D 78 18.17 -8.74 -15.06
C ILE D 78 17.60 -9.94 -14.34
N VAL D 79 18.41 -10.97 -14.17
CA VAL D 79 17.95 -12.24 -13.59
C VAL D 79 18.15 -12.19 -12.07
N LEU D 80 17.08 -12.28 -11.33
CA LEU D 80 17.18 -12.34 -9.89
C LEU D 80 16.80 -13.72 -9.48
N VAL D 81 16.86 -13.97 -8.15
CA VAL D 81 16.44 -15.23 -7.62
C VAL D 81 15.72 -14.90 -6.33
N LYS D 82 14.69 -15.71 -6.07
CA LYS D 82 13.93 -15.64 -4.82
C LYS D 82 14.10 -16.95 -4.11
N GLN D 83 14.12 -16.86 -2.78
CA GLN D 83 14.36 -17.96 -1.87
C GLN D 83 14.06 -17.55 -0.41
N PHE D 84 13.87 -18.54 0.45
CA PHE D 84 13.56 -18.31 1.88
C PHE D 84 14.88 -18.03 2.55
N ARG D 85 14.91 -17.02 3.40
CA ARG D 85 16.11 -16.73 4.12
C ARG D 85 15.84 -16.91 5.63
N PRO D 86 16.28 -18.05 6.20
CA PRO D 86 16.13 -18.19 7.67
C PRO D 86 16.37 -16.95 8.50
N PRO D 87 17.45 -16.19 8.25
CA PRO D 87 17.67 -15.05 9.19
C PRO D 87 16.54 -13.96 9.09
N MET D 88 15.99 -13.83 7.87
CA MET D 88 14.95 -12.85 7.56
C MET D 88 13.59 -13.39 7.94
N GLY D 89 13.47 -14.71 8.05
CA GLY D 89 12.16 -15.33 8.21
C GLY D 89 11.18 -15.05 7.08
N GLY D 90 11.70 -14.68 5.92
CA GLY D 90 10.86 -14.25 4.83
C GLY D 90 11.53 -14.76 3.59
N TYR D 91 10.84 -14.66 2.46
CA TYR D 91 11.51 -14.84 1.16
C TYR D 91 12.18 -13.50 0.73
N CYS D 92 13.35 -13.59 0.07
CA CYS D 92 14.08 -12.41 -0.29
C CYS D 92 14.33 -12.50 -1.81
N ILE D 93 14.24 -11.35 -2.47
CA ILE D 93 14.65 -11.26 -3.90
C ILE D 93 16.05 -10.63 -3.98
N GLU D 94 17.01 -11.38 -4.59
CA GLU D 94 18.40 -11.09 -4.55
C GLU D 94 19.05 -11.27 -5.90
N PHE D 95 20.24 -10.69 -6.05
CA PHE D 95 21.10 -11.12 -7.16
C PHE D 95 21.49 -12.58 -6.77
N PRO D 96 21.63 -13.47 -7.74
CA PRO D 96 22.20 -14.83 -7.47
C PRO D 96 23.60 -14.68 -6.83
N ALA D 97 23.82 -15.41 -5.74
CA ALA D 97 24.96 -15.16 -4.90
C ALA D 97 25.41 -16.45 -4.23
N GLY D 98 26.69 -16.53 -3.91
CA GLY D 98 27.22 -17.66 -3.12
C GLY D 98 28.62 -17.43 -2.55
N LEU D 99 29.04 -18.32 -1.66
CA LEU D 99 30.40 -18.25 -1.07
C LEU D 99 31.38 -18.81 -2.06
N ILE D 100 32.60 -18.28 -2.00
CA ILE D 100 33.64 -18.70 -2.86
C ILE D 100 34.22 -19.96 -2.18
N ASP D 101 34.47 -20.98 -3.01
CA ASP D 101 35.09 -22.24 -2.57
C ASP D 101 36.61 -22.00 -2.55
N ASP D 102 37.30 -22.55 -1.54
CA ASP D 102 38.77 -22.38 -1.44
C ASP D 102 39.42 -22.89 -2.73
N GLY D 103 40.28 -22.07 -3.33
CA GLY D 103 40.96 -22.40 -4.59
C GLY D 103 40.39 -21.79 -5.85
N GLU D 104 39.13 -21.36 -5.78
CA GLU D 104 38.37 -20.88 -6.94
C GLU D 104 38.39 -19.34 -6.92
N THR D 105 38.79 -18.75 -8.03
CA THR D 105 38.75 -17.29 -8.22
C THR D 105 37.26 -16.85 -8.19
N PRO D 106 36.96 -15.59 -7.80
CA PRO D 106 35.53 -15.09 -7.81
C PRO D 106 34.80 -15.09 -9.21
N GLU D 107 35.51 -14.79 -10.29
CA GLU D 107 34.90 -14.89 -11.62
C GLU D 107 34.38 -16.31 -11.89
N ALA D 108 35.24 -17.31 -11.71
CA ALA D 108 34.83 -18.70 -11.80
C ALA D 108 33.71 -18.98 -10.77
N ALA D 109 33.79 -18.49 -9.52
CA ALA D 109 32.61 -18.76 -8.65
C ALA D 109 31.34 -18.03 -9.19
N ALA D 110 31.51 -16.86 -9.80
CA ALA D 110 30.30 -16.10 -10.23
C ALA D 110 29.55 -16.95 -11.26
N LEU D 111 30.27 -17.32 -12.34
CA LEU D 111 29.69 -18.17 -13.36
C LEU D 111 29.13 -19.47 -12.78
N ARG D 112 29.80 -20.02 -11.78
CA ARG D 112 29.43 -21.33 -11.30
C ARG D 112 28.11 -21.24 -10.56
N GLU D 113 28.01 -20.29 -9.65
CA GLU D 113 26.78 -20.13 -8.87
C GLU D 113 25.60 -19.51 -9.72
N LEU D 114 25.91 -18.72 -10.76
CA LEU D 114 24.84 -18.31 -11.73
C LEU D 114 24.34 -19.53 -12.56
N GLU D 115 25.23 -20.40 -13.05
CA GLU D 115 24.73 -21.68 -13.63
C GLU D 115 24.02 -22.59 -12.57
N GLU D 116 24.51 -22.65 -11.31
CA GLU D 116 23.79 -23.45 -10.33
C GLU D 116 22.40 -22.89 -9.99
N GLU D 117 22.29 -21.57 -9.83
CA GLU D 117 21.09 -20.99 -9.21
C GLU D 117 19.98 -20.61 -10.18
N THR D 118 20.35 -20.57 -11.44
CA THR D 118 19.49 -20.17 -12.54
C THR D 118 19.66 -21.01 -13.80
N GLY D 119 20.79 -21.67 -13.96
CA GLY D 119 21.01 -22.50 -15.13
C GLY D 119 21.64 -21.75 -16.29
N TYR D 120 21.84 -20.43 -16.20
CA TYR D 120 22.41 -19.72 -17.34
C TYR D 120 23.97 -19.81 -17.39
N LYS D 121 24.51 -20.10 -18.56
CA LYS D 121 25.90 -19.82 -18.88
C LYS D 121 26.02 -18.35 -19.24
N GLY D 122 27.06 -17.74 -18.72
CA GLY D 122 27.28 -16.31 -18.91
C GLY D 122 28.69 -16.08 -19.28
N ASP D 123 28.96 -14.83 -19.56
CA ASP D 123 30.27 -14.33 -19.94
C ASP D 123 30.62 -13.21 -18.94
N ILE D 124 31.79 -13.25 -18.34
CA ILE D 124 32.12 -12.22 -17.37
C ILE D 124 32.31 -10.94 -18.16
N ALA D 125 31.69 -9.86 -17.70
CA ALA D 125 31.94 -8.52 -18.25
C ALA D 125 32.85 -7.79 -17.29
N GLU D 126 32.62 -7.90 -15.98
CA GLU D 126 33.52 -7.19 -15.03
C GLU D 126 33.32 -7.72 -13.65
N CYS D 127 34.27 -7.39 -12.78
CA CYS D 127 34.34 -7.88 -11.40
C CYS D 127 34.77 -6.74 -10.44
N SER D 128 34.10 -6.57 -9.30
CA SER D 128 34.45 -5.51 -8.37
C SER D 128 35.59 -5.99 -7.49
N PRO D 129 36.27 -5.08 -6.81
CA PRO D 129 37.08 -5.49 -5.69
C PRO D 129 36.13 -5.88 -4.57
N ALA D 130 36.67 -6.25 -3.43
CA ALA D 130 35.83 -6.62 -2.29
C ALA D 130 35.11 -5.41 -1.71
N VAL D 131 33.81 -5.59 -1.50
CA VAL D 131 32.94 -4.57 -0.99
C VAL D 131 32.29 -5.20 0.21
N CYS D 132 32.04 -4.32 1.18
CA CYS D 132 31.46 -4.63 2.50
C CYS D 132 29.92 -4.70 2.49
N MET D 133 29.41 -5.86 2.91
CA MET D 133 28.00 -6.10 3.11
C MET D 133 27.31 -5.20 4.13
N ASP D 134 27.87 -5.04 5.32
CA ASP D 134 27.32 -4.11 6.29
C ASP D 134 28.37 -3.61 7.30
N PRO D 135 29.30 -2.71 6.88
CA PRO D 135 30.54 -2.42 7.64
C PRO D 135 30.36 -2.03 9.09
N GLY D 136 29.29 -1.38 9.46
CA GLY D 136 29.04 -1.04 10.89
C GLY D 136 28.72 -2.29 11.79
N LEU D 137 28.68 -3.50 11.20
CA LEU D 137 28.33 -4.73 11.94
C LEU D 137 29.23 -5.91 11.62
N SER D 138 29.37 -6.26 10.34
CA SER D 138 30.10 -7.41 9.90
C SER D 138 31.32 -7.05 9.07
N ASN D 139 32.15 -8.05 8.78
CA ASN D 139 33.36 -7.82 8.02
C ASN D 139 33.14 -8.47 6.72
N CYS D 140 31.91 -9.00 6.46
CA CYS D 140 31.80 -9.94 5.32
C CYS D 140 31.96 -9.17 4.03
N THR D 141 32.27 -9.85 2.94
CA THR D 141 32.53 -9.04 1.76
C THR D 141 32.29 -9.92 0.60
N ILE D 142 32.05 -9.31 -0.55
CA ILE D 142 31.75 -10.03 -1.74
C ILE D 142 32.46 -9.34 -2.93
N HIS D 143 32.71 -10.07 -3.97
CA HIS D 143 32.90 -9.43 -5.28
C HIS D 143 31.52 -9.40 -6.03
N ILE D 144 31.13 -8.24 -6.56
CA ILE D 144 29.97 -8.09 -7.39
C ILE D 144 30.48 -8.25 -8.84
N VAL D 145 30.04 -9.31 -9.53
CA VAL D 145 30.56 -9.66 -10.84
C VAL D 145 29.40 -9.36 -11.79
N THR D 146 29.65 -8.51 -12.78
CA THR D 146 28.67 -8.29 -13.84
C THR D 146 28.87 -9.38 -14.91
N VAL D 147 27.78 -10.09 -15.21
CA VAL D 147 27.79 -11.23 -16.14
C VAL D 147 26.74 -11.06 -17.26
N THR D 148 27.17 -11.08 -18.51
CA THR D 148 26.22 -11.01 -19.65
C THR D 148 25.86 -12.42 -20.09
N ILE D 149 24.56 -12.67 -20.24
CA ILE D 149 24.10 -13.98 -20.69
C ILE D 149 23.67 -13.85 -22.17
N ASN D 150 24.16 -14.71 -23.04
CA ASN D 150 23.76 -14.62 -24.47
C ASN D 150 22.60 -15.60 -24.74
N GLY D 151 21.37 -15.08 -24.71
CA GLY D 151 20.14 -15.87 -24.82
C GLY D 151 19.71 -16.18 -26.25
N ASP D 152 20.51 -15.77 -27.24
CA ASP D 152 20.47 -16.31 -28.63
C ASP D 152 21.10 -17.75 -28.72
N ASP D 153 22.18 -17.98 -27.96
CA ASP D 153 22.87 -19.29 -27.86
C ASP D 153 21.92 -20.38 -27.32
N ALA D 154 21.93 -21.53 -28.01
CA ALA D 154 21.15 -22.73 -27.66
C ALA D 154 21.30 -23.18 -26.17
N GLU D 155 22.55 -23.14 -25.67
CA GLU D 155 22.83 -23.43 -24.24
C GLU D 155 21.92 -22.64 -23.32
N ASN D 156 21.68 -21.37 -23.66
CA ASN D 156 20.82 -20.48 -22.87
C ASN D 156 19.38 -20.36 -23.37
N ALA D 157 18.96 -21.24 -24.28
CA ALA D 157 17.58 -21.20 -24.86
C ALA D 157 16.45 -21.22 -23.80
N ARG D 158 16.52 -22.21 -22.91
CA ARG D 158 15.62 -22.33 -21.75
C ARG D 158 16.25 -23.30 -20.73
N PRO D 159 17.35 -22.87 -20.08
CA PRO D 159 18.16 -23.82 -19.32
C PRO D 159 17.59 -24.13 -17.90
N LYS D 160 18.02 -25.27 -17.33
CA LYS D 160 17.51 -25.76 -16.04
C LYS D 160 18.45 -25.41 -14.86
N PRO D 161 17.88 -25.02 -13.69
CA PRO D 161 18.77 -24.88 -12.50
C PRO D 161 19.51 -26.19 -12.11
N LYS D 162 20.45 -26.09 -11.17
CA LYS D 162 21.18 -27.25 -10.62
C LYS D 162 21.55 -26.98 -9.16
N PRO D 163 20.55 -27.00 -8.26
CA PRO D 163 20.78 -26.59 -6.88
C PRO D 163 21.47 -27.64 -6.03
N GLY D 164 22.14 -27.17 -4.97
CA GLY D 164 22.77 -28.05 -3.98
C GLY D 164 21.76 -28.48 -2.94
N ASP D 165 22.18 -29.32 -2.00
CA ASP D 165 21.29 -29.80 -0.93
C ASP D 165 20.84 -28.59 -0.12
N GLY D 166 19.54 -28.51 0.13
CA GLY D 166 18.94 -27.37 0.83
C GLY D 166 18.84 -26.01 0.11
N GLU D 167 19.15 -25.98 -1.20
CA GLU D 167 19.11 -24.76 -2.01
C GLU D 167 17.87 -24.81 -2.91
N PHE D 168 16.90 -23.94 -2.62
CA PHE D 168 15.62 -23.85 -3.35
C PHE D 168 15.47 -22.42 -3.84
N VAL D 169 15.57 -22.27 -5.16
CA VAL D 169 15.74 -20.98 -5.82
C VAL D 169 14.72 -20.84 -6.95
N GLU D 170 13.86 -19.82 -6.89
CA GLU D 170 12.98 -19.43 -8.01
C GLU D 170 13.65 -18.31 -8.77
N VAL D 171 13.81 -18.46 -10.08
CA VAL D 171 14.44 -17.44 -10.92
C VAL D 171 13.34 -16.42 -11.30
N ILE D 172 13.69 -15.14 -11.25
CA ILE D 172 12.78 -14.04 -11.54
C ILE D 172 13.56 -13.16 -12.52
N SER D 173 13.20 -13.26 -13.80
CA SER D 173 13.76 -12.34 -14.76
C SER D 173 12.84 -11.14 -14.84
N LEU D 174 13.44 -9.96 -14.70
CA LEU D 174 12.69 -8.71 -14.72
C LEU D 174 13.33 -7.81 -15.75
N PRO D 175 12.51 -6.96 -16.43
CA PRO D 175 13.04 -6.09 -17.48
C PRO D 175 13.96 -5.07 -16.83
N LYS D 176 15.14 -4.87 -17.42
CA LYS D 176 16.10 -3.91 -16.92
C LYS D 176 15.43 -2.52 -16.94
N ASN D 177 14.68 -2.27 -18.01
CA ASN D 177 14.01 -1.00 -18.27
C ASN D 177 12.95 -0.53 -17.28
N ASP D 178 12.47 -1.40 -16.43
CA ASP D 178 11.45 -0.94 -15.50
C ASP D 178 11.62 -1.60 -14.20
N LEU D 179 12.86 -1.96 -13.92
CA LEU D 179 13.20 -2.77 -12.78
C LEU D 179 12.67 -2.25 -11.45
N LEU D 180 12.86 -0.98 -11.16
CA LEU D 180 12.41 -0.47 -9.84
C LEU D 180 10.87 -0.54 -9.66
N GLN D 181 10.14 -0.31 -10.77
CA GLN D 181 8.62 -0.26 -10.76
C GLN D 181 8.11 -1.63 -10.38
N ARG D 182 8.76 -2.61 -11.00
CA ARG D 182 8.39 -4.00 -10.82
C ARG D 182 8.80 -4.53 -9.52
N LEU D 183 9.96 -4.14 -9.01
CA LEU D 183 10.36 -4.52 -7.64
C LEU D 183 9.44 -3.91 -6.65
N ASP D 184 9.02 -2.67 -6.82
CA ASP D 184 7.98 -2.08 -5.87
C ASP D 184 6.65 -2.81 -5.96
N ALA D 185 6.27 -3.21 -7.19
CA ALA D 185 5.04 -3.97 -7.47
C ALA D 185 4.99 -5.31 -6.71
N LEU D 186 6.11 -6.07 -6.74
CA LEU D 186 6.22 -7.26 -5.89
C LEU D 186 6.10 -6.96 -4.37
N VAL D 187 6.62 -5.85 -3.90
CA VAL D 187 6.61 -5.56 -2.44
C VAL D 187 5.26 -5.05 -2.01
N ALA D 188 4.51 -4.53 -2.99
CA ALA D 188 3.18 -4.06 -2.66
C ALA D 188 2.21 -5.27 -2.57
N GLU D 189 2.56 -6.38 -3.22
CA GLU D 189 1.63 -7.49 -3.35
C GLU D 189 2.03 -8.83 -2.66
N GLU D 190 3.31 -9.19 -2.66
CA GLU D 190 3.71 -10.50 -2.10
C GLU D 190 4.57 -10.34 -0.87
N HIS D 191 4.50 -11.33 0.03
CA HIS D 191 5.22 -11.35 1.28
C HIS D 191 6.65 -11.62 0.86
N LEU D 192 7.42 -10.54 0.67
CA LEU D 192 8.84 -10.72 0.44
C LEU D 192 9.59 -9.44 0.57
N THR D 193 10.93 -9.58 0.55
CA THR D 193 11.82 -8.46 0.81
C THR D 193 12.88 -8.40 -0.28
N VAL D 194 13.15 -7.16 -0.72
CA VAL D 194 14.06 -6.93 -1.84
C VAL D 194 15.39 -6.73 -1.19
N ASP D 195 16.42 -7.16 -1.89
CA ASP D 195 17.74 -6.90 -1.32
C ASP D 195 18.20 -5.50 -1.69
N ALA D 196 18.68 -4.80 -0.66
CA ALA D 196 19.32 -3.44 -0.77
C ALA D 196 20.23 -3.18 -1.95
N ARG D 197 21.09 -4.13 -2.27
N ARG D 197 21.11 -4.12 -2.26
CA ARG D 197 21.96 -4.02 -3.43
CA ARG D 197 21.97 -4.04 -3.46
C ARG D 197 21.14 -4.03 -4.72
C ARG D 197 21.11 -4.00 -4.72
N VAL D 198 20.10 -4.87 -4.77
CA VAL D 198 19.19 -4.93 -5.94
C VAL D 198 18.43 -3.60 -6.04
N TYR D 199 17.99 -3.09 -4.93
CA TYR D 199 17.19 -1.95 -4.90
C TYR D 199 18.05 -0.71 -5.17
N SER D 200 19.34 -0.77 -4.82
CA SER D 200 20.21 0.38 -5.02
C SER D 200 20.49 0.38 -6.50
N TYR D 201 20.62 -0.83 -7.07
CA TYR D 201 20.89 -1.00 -8.53
C TYR D 201 19.68 -0.41 -9.30
N ALA D 202 18.47 -0.83 -8.92
CA ALA D 202 17.20 -0.38 -9.58
C ALA D 202 16.98 1.17 -9.42
N LEU D 203 17.16 1.71 -8.21
CA LEU D 203 17.22 3.19 -7.99
C LEU D 203 18.10 3.94 -8.92
N ALA D 204 19.34 3.46 -9.01
CA ALA D 204 20.31 4.04 -9.92
C ALA D 204 19.95 3.99 -11.39
N LEU D 205 19.24 2.94 -11.83
CA LEU D 205 18.81 2.88 -13.23
C LEU D 205 17.82 4.02 -13.53
N LYS D 206 17.06 4.43 -12.52
CA LYS D 206 16.23 5.62 -12.66
C LYS D 206 17.01 6.92 -12.50
N HIS D 207 17.94 6.97 -11.53
CA HIS D 207 18.70 8.20 -11.24
C HIS D 207 19.70 8.58 -12.30
N ALA D 208 20.19 7.60 -13.03
CA ALA D 208 21.15 7.84 -14.10
C ALA D 208 20.66 8.90 -15.08
N ASN D 209 21.62 9.63 -15.63
CA ASN D 209 21.36 10.80 -16.45
C ASN D 209 20.83 11.93 -15.57
MG MG E . -23.07 -5.74 -11.69
MG MG F . -23.87 -8.59 -13.03
CL CL G . -10.11 10.04 12.40
C1 EDO H . -9.55 15.38 21.88
O1 EDO H . -10.15 16.48 21.20
C2 EDO H . -9.82 15.56 23.39
O2 EDO H . -11.22 15.30 23.71
MG MG I . -29.40 15.41 6.18
MG MG J . -29.33 19.32 7.42
N1 K1A K . -31.60 -3.19 -15.00
C4 K1A K . -31.67 0.10 -15.72
C5 K1A K . -31.78 0.68 -14.35
C6 K1A K . -31.20 -1.21 -17.48
C7 K1A K . -30.84 -2.21 -18.50
C8 K1A K . -32.52 -3.15 -13.93
N K1A K . -31.65 -4.27 -15.86
C K1A K . -32.86 -6.34 -16.30
O K1A K . -31.79 -0.04 -17.90
C1 K1A K . -32.57 -5.11 -15.52
C2 K1A K . -30.57 -2.19 -15.22
C3 K1A K . -31.10 -1.18 -16.12
N2 K1A K . -32.07 0.74 -16.84
O1 K1A K . -32.60 -2.23 -13.08
S K1A K . -33.49 -4.68 -14.10
C1 EDO L . -28.74 -1.69 -6.10
O1 EDO L . -27.66 -0.81 -5.76
C2 EDO L . -30.04 -1.01 -5.72
O2 EDO L . -30.09 0.25 -6.44
C1 EDO M . 17.12 24.80 0.43
O1 EDO M . 18.30 24.18 0.94
C2 EDO M . 16.04 23.80 0.06
O2 EDO M . 15.46 23.37 1.30
MG MG N . 25.26 8.30 12.82
MG MG O . 26.45 6.98 10.67
MG MG P . 22.26 -19.24 -2.66
MG MG Q . 24.33 -20.23 -2.58
N1 K1A R . 25.91 0.85 17.41
C4 K1A R . 28.00 -1.94 17.28
C5 K1A R . 27.49 -2.76 16.15
C6 K1A R . 28.52 -0.28 18.71
C7 K1A R . 28.80 0.90 19.53
C8 K1A R . 24.73 0.08 17.45
N K1A R . 25.99 1.99 18.19
C K1A R . 24.65 3.25 19.84
O K1A R . 29.05 -1.44 19.16
C1 K1A R . 24.88 2.14 18.89
C2 K1A R . 27.09 0.43 16.68
C3 K1A R . 27.84 -0.51 17.53
N2 K1A R . 28.73 -2.45 18.30
O1 K1A R . 24.53 -0.92 16.76
S K1A R . 23.66 0.90 18.64
#